data_8R41
#
_entry.id   8R41
#
_cell.length_a   109.360
_cell.length_b   122.250
_cell.length_c   136.730
_cell.angle_alpha   90.00
_cell.angle_beta   90.00
_cell.angle_gamma   90.00
#
_symmetry.space_group_name_H-M   'I 21 21 21'
#
loop_
_entity.id
_entity.type
_entity.pdbx_description
1 polymer 'Chitinase-3-like protein 1'
2 branched 2-acetamido-2-deoxy-beta-D-glucopyranose-(1-4)-2-acetamido-2-deoxy-beta-D-glucopyranose
3 non-polymer ~{N}-[2-(4-bromophenyl)ethyl]-~{N}-(2-methoxyethyl)-1-(1,3-thiazol-2-yl)piperidin-4-amine
4 non-polymer 1,2-ETHANEDIOL
5 non-polymer 'BROMIDE ION'
6 water water
#
_entity_poly.entity_id   1
_entity_poly.type   'polypeptide(L)'
_entity_poly.pdbx_seq_one_letter_code
;MGVKASQTGFVVLVLLQCCSAYKLVCYYTSWSQYREGDGSCFPDALDRFLCTHIIYSFANISNDHIDTWEWNDVTLYGML
NTLKNRNPNLKTLLSVGGWNFGSQRFSKIASNTQSRRTFIKSVPPFLRTHGFDGLDLAWLYPGRRDKQHFTTLIKEMKAE
FIKEAQPGKKQLLLSAALSAGKVTIDSSYDIAKISQHLDFISIMTYDFHGAWRGTTGHHSPLFRGQEDASPDRFSNTDYA
VGYMLRLGAPASKLVMGIPTFGRSFTLASSETGVGAPISGPGIPGRFTKEAGTLAYYEICDFLRGATVHRILGQQVPYAT
KGNQWVGYDDQESVKSKVQYLKDRQLAGAMVWALDLDDFQGSFCGQDLRFPLTNAIKDALAAT
;
_entity_poly.pdbx_strand_id   A,B
#
# COMPACT_ATOMS: atom_id res chain seq x y z
N TYR A 22 20.51 -5.12 -14.19
CA TYR A 22 19.54 -5.92 -13.46
C TYR A 22 19.48 -7.34 -14.02
N LYS A 23 19.27 -8.31 -13.12
CA LYS A 23 19.05 -9.68 -13.52
C LYS A 23 17.56 -9.92 -13.76
N LEU A 24 17.26 -10.74 -14.77
CA LEU A 24 15.91 -11.23 -15.00
C LEU A 24 16.00 -12.75 -15.05
N VAL A 25 15.72 -13.39 -13.92
CA VAL A 25 15.83 -14.84 -13.78
C VAL A 25 14.46 -15.45 -14.07
N CYS A 26 14.42 -16.41 -14.99
CA CYS A 26 13.16 -16.97 -15.46
C CYS A 26 13.23 -18.49 -15.44
N TYR A 27 12.20 -19.12 -14.86
CA TYR A 27 12.15 -20.56 -14.75
C TYR A 27 11.41 -21.17 -15.92
N TYR A 28 11.93 -22.30 -16.41
CA TYR A 28 11.22 -23.15 -17.34
C TYR A 28 11.01 -24.51 -16.67
N THR A 29 9.78 -25.03 -16.76
CA THR A 29 9.44 -26.30 -16.14
C THR A 29 9.29 -27.36 -17.22
N SER A 30 9.96 -28.50 -17.04
CA SER A 30 9.98 -29.52 -18.08
C SER A 30 8.61 -30.16 -18.26
N TRP A 31 7.87 -30.38 -17.17
CA TRP A 31 6.57 -31.04 -17.28
C TRP A 31 5.58 -30.23 -18.11
N SER A 32 5.82 -28.92 -18.26
CA SER A 32 4.97 -28.11 -19.13
C SER A 32 4.95 -28.62 -20.57
N GLN A 33 5.90 -29.48 -20.94
CA GLN A 33 5.87 -30.01 -22.31
C GLN A 33 4.63 -30.86 -22.54
N TYR A 34 4.07 -31.46 -21.50
CA TYR A 34 3.00 -32.44 -21.65
C TYR A 34 1.61 -31.82 -21.68
N ARG A 35 1.50 -30.50 -21.68
CA ARG A 35 0.20 -29.85 -21.65
C ARG A 35 -0.42 -29.84 -23.04
N GLU A 36 -1.75 -29.90 -23.07
CA GLU A 36 -2.50 -30.04 -24.32
C GLU A 36 -2.44 -28.79 -25.17
N GLY A 37 -2.58 -29.00 -26.47
CA GLY A 37 -2.82 -27.93 -27.41
C GLY A 37 -1.79 -26.82 -27.31
N ASP A 38 -2.26 -25.58 -27.31
CA ASP A 38 -1.37 -24.43 -27.21
C ASP A 38 -0.73 -24.29 -25.83
N GLY A 39 -1.12 -25.12 -24.86
CA GLY A 39 -0.45 -25.11 -23.57
C GLY A 39 0.92 -25.75 -23.61
N SER A 40 1.12 -26.71 -24.52
CA SER A 40 2.41 -27.38 -24.68
C SER A 40 3.54 -26.36 -24.84
N CYS A 41 4.54 -26.46 -23.98
CA CYS A 41 5.65 -25.53 -23.97
C CYS A 41 6.97 -26.28 -23.99
N PHE A 42 7.81 -25.96 -24.97
CA PHE A 42 9.16 -26.50 -25.11
C PHE A 42 10.15 -25.36 -25.08
N PRO A 43 11.41 -25.62 -24.73
CA PRO A 43 12.39 -24.52 -24.63
C PRO A 43 12.57 -23.70 -25.89
N ASP A 44 12.27 -24.25 -27.07
CA ASP A 44 12.41 -23.46 -28.29
C ASP A 44 11.29 -22.45 -28.48
N ALA A 45 10.27 -22.48 -27.62
CA ALA A 45 9.27 -21.41 -27.59
C ALA A 45 9.73 -20.20 -26.80
N LEU A 46 10.88 -20.28 -26.14
CA LEU A 46 11.37 -19.22 -25.27
C LEU A 46 12.17 -18.20 -26.07
N ASP A 47 11.86 -16.92 -25.87
CA ASP A 47 12.64 -15.84 -26.45
C ASP A 47 14.02 -15.84 -25.82
N ARG A 48 15.06 -16.06 -26.65
CA ARG A 48 16.42 -16.12 -26.13
C ARG A 48 16.90 -14.80 -25.56
N PHE A 49 16.24 -13.69 -25.91
CA PHE A 49 16.65 -12.37 -25.44
C PHE A 49 15.80 -11.86 -24.30
N LEU A 50 14.77 -12.60 -23.89
CA LEU A 50 13.84 -12.12 -22.88
C LEU A 50 14.52 -11.96 -21.54
N CYS A 51 15.23 -12.99 -21.08
CA CYS A 51 15.76 -13.03 -19.73
C CYS A 51 17.28 -13.07 -19.75
N THR A 52 17.88 -12.64 -18.64
CA THR A 52 19.32 -12.79 -18.46
C THR A 52 19.70 -14.20 -18.03
N HIS A 53 18.84 -14.86 -17.26
CA HIS A 53 19.05 -16.22 -16.82
C HIS A 53 17.78 -17.03 -17.01
N ILE A 54 17.92 -18.24 -17.53
CA ILE A 54 16.81 -19.18 -17.60
C ILE A 54 17.20 -20.43 -16.82
N ILE A 55 16.37 -20.82 -15.86
CA ILE A 55 16.64 -21.96 -15.00
C ILE A 55 15.70 -23.09 -15.38
N TYR A 56 16.26 -24.27 -15.62
CA TYR A 56 15.52 -25.45 -16.02
C TYR A 56 15.13 -26.24 -14.76
N SER A 57 13.85 -26.59 -14.67
CA SER A 57 13.27 -27.23 -13.49
C SER A 57 12.50 -28.48 -13.91
N PHE A 58 12.74 -29.61 -13.25
CA PHE A 58 13.77 -29.77 -12.22
C PHE A 58 14.66 -30.96 -12.60
N ALA A 59 15.84 -31.04 -12.00
CA ALA A 59 16.68 -32.22 -12.11
C ALA A 59 16.48 -33.12 -10.88
N ASN A 60 16.84 -34.38 -11.04
CA ASN A 60 16.69 -35.38 -10.00
C ASN A 60 18.01 -35.58 -9.25
N ILE A 61 17.89 -36.16 -8.05
CA ILE A 61 19.02 -36.74 -7.34
C ILE A 61 18.76 -38.23 -7.25
N SER A 62 19.65 -39.03 -7.85
CA SER A 62 19.53 -40.47 -7.89
C SER A 62 20.90 -41.07 -7.61
N ASN A 63 20.95 -42.02 -6.67
CA ASN A 63 22.20 -42.65 -6.26
C ASN A 63 23.21 -41.61 -5.77
N ASP A 64 22.70 -40.55 -5.13
CA ASP A 64 23.51 -39.43 -4.64
C ASP A 64 24.24 -38.70 -5.77
N HIS A 65 23.77 -38.82 -7.01
CA HIS A 65 24.26 -38.03 -8.13
C HIS A 65 23.14 -37.18 -8.68
N ILE A 66 23.49 -36.00 -9.18
CA ILE A 66 22.51 -35.26 -9.98
C ILE A 66 22.25 -36.04 -11.26
N ASP A 67 21.01 -35.97 -11.75
CA ASP A 67 20.64 -36.76 -12.91
C ASP A 67 19.41 -36.15 -13.57
N THR A 68 19.09 -36.68 -14.75
CA THR A 68 17.92 -36.24 -15.49
C THR A 68 16.64 -36.67 -14.77
N TRP A 69 15.55 -35.99 -15.10
CA TRP A 69 14.23 -36.32 -14.55
C TRP A 69 13.28 -36.78 -15.64
N GLU A 70 13.02 -35.96 -16.66
CA GLU A 70 12.16 -36.39 -17.75
C GLU A 70 12.94 -37.25 -18.74
N TRP A 71 12.20 -38.13 -19.43
CA TRP A 71 12.83 -39.05 -20.37
C TRP A 71 13.60 -38.32 -21.47
N ASN A 72 13.09 -37.17 -21.92
CA ASN A 72 13.73 -36.39 -22.97
C ASN A 72 14.49 -35.19 -22.42
N ASP A 73 15.02 -35.30 -21.19
CA ASP A 73 15.67 -34.15 -20.57
C ASP A 73 16.91 -33.72 -21.33
N VAL A 74 17.70 -34.67 -21.83
CA VAL A 74 18.90 -34.31 -22.60
C VAL A 74 18.53 -33.46 -23.81
N THR A 75 17.47 -33.87 -24.52
CA THR A 75 17.04 -33.13 -25.69
C THR A 75 16.53 -31.73 -25.33
N LEU A 76 15.74 -31.62 -24.25
CA LEU A 76 15.23 -30.32 -23.85
C LEU A 76 16.34 -29.42 -23.33
N TYR A 77 17.32 -30.00 -22.61
CA TYR A 77 18.53 -29.27 -22.27
C TYR A 77 19.15 -28.66 -23.51
N GLY A 78 19.27 -29.46 -24.57
CA GLY A 78 19.85 -28.96 -25.80
C GLY A 78 19.03 -27.83 -26.41
N MET A 79 17.70 -28.01 -26.47
CA MET A 79 16.83 -26.95 -26.96
C MET A 79 17.02 -25.66 -26.18
N LEU A 80 17.21 -25.77 -24.86
CA LEU A 80 17.37 -24.58 -24.04
C LEU A 80 18.73 -23.91 -24.29
N ASN A 81 19.81 -24.68 -24.20
CA ASN A 81 21.13 -24.09 -24.32
C ASN A 81 21.48 -23.69 -25.75
N THR A 82 20.71 -24.16 -26.75
CA THR A 82 20.81 -23.63 -28.10
C THR A 82 20.59 -22.12 -28.12
N LEU A 83 19.69 -21.63 -27.26
CA LEU A 83 19.31 -20.23 -27.27
C LEU A 83 20.49 -19.30 -27.02
N LYS A 84 21.59 -19.79 -26.45
CA LYS A 84 22.76 -18.94 -26.24
C LYS A 84 23.59 -18.77 -27.51
N ASN A 85 23.33 -19.54 -28.57
CA ASN A 85 24.11 -19.41 -29.80
C ASN A 85 24.03 -17.99 -30.34
N ARG A 86 22.81 -17.50 -30.56
CA ARG A 86 22.63 -16.12 -30.98
C ARG A 86 22.71 -15.13 -29.83
N ASN A 87 22.77 -15.60 -28.59
CA ASN A 87 22.75 -14.72 -27.42
C ASN A 87 23.81 -15.17 -26.43
N PRO A 88 25.04 -14.65 -26.55
CA PRO A 88 26.10 -15.11 -25.64
C PRO A 88 25.91 -14.63 -24.21
N ASN A 89 25.20 -13.53 -23.99
CA ASN A 89 24.98 -13.04 -22.64
C ASN A 89 24.01 -13.91 -21.84
N LEU A 90 23.20 -14.70 -22.52
CA LEU A 90 22.23 -15.55 -21.84
C LEU A 90 22.96 -16.62 -21.02
N LYS A 91 22.57 -16.77 -19.76
CA LYS A 91 23.10 -17.80 -18.89
C LYS A 91 21.99 -18.78 -18.53
N THR A 92 22.37 -20.04 -18.32
CA THR A 92 21.41 -21.07 -17.94
C THR A 92 21.88 -21.82 -16.70
N LEU A 93 20.90 -22.19 -15.87
CA LEU A 93 21.14 -22.97 -14.68
C LEU A 93 20.19 -24.16 -14.66
N LEU A 94 20.62 -25.21 -14.00
CA LEU A 94 19.79 -26.40 -13.79
C LEU A 94 19.35 -26.41 -12.32
N SER A 95 18.04 -26.48 -12.10
CA SER A 95 17.47 -26.44 -10.76
C SER A 95 17.24 -27.86 -10.28
N VAL A 96 17.68 -28.14 -9.06
CA VAL A 96 17.49 -29.44 -8.42
C VAL A 96 16.59 -29.27 -7.21
N GLY A 97 15.61 -30.16 -7.05
CA GLY A 97 14.65 -30.02 -5.98
C GLY A 97 13.21 -30.00 -6.47
N GLY A 98 12.41 -29.09 -5.94
CA GLY A 98 10.99 -29.03 -6.26
C GLY A 98 10.16 -29.48 -5.07
N TRP A 99 8.84 -29.53 -5.29
CA TRP A 99 7.93 -29.92 -4.23
C TRP A 99 7.36 -31.32 -4.39
N ASN A 100 7.63 -32.01 -5.49
CA ASN A 100 7.29 -33.42 -5.65
C ASN A 100 8.54 -34.30 -5.59
N PHE A 101 9.58 -33.79 -4.94
CA PHE A 101 10.82 -34.53 -4.71
C PHE A 101 10.61 -35.50 -3.55
N GLY A 102 11.65 -36.28 -3.26
CA GLY A 102 11.63 -37.08 -2.04
C GLY A 102 11.77 -36.24 -0.79
N SER A 103 12.52 -35.13 -0.88
CA SER A 103 12.78 -34.21 0.24
C SER A 103 13.55 -34.89 1.36
N GLN A 104 13.17 -36.11 1.73
CA GLN A 104 14.04 -36.94 2.55
C GLN A 104 15.34 -37.24 1.82
N ARG A 105 15.28 -37.35 0.49
CA ARG A 105 16.50 -37.56 -0.30
C ARG A 105 17.45 -36.39 -0.17
N PHE A 106 16.93 -35.16 -0.34
CA PHE A 106 17.77 -33.98 -0.21
C PHE A 106 18.40 -33.90 1.18
N SER A 107 17.62 -34.21 2.23
CA SER A 107 18.16 -34.21 3.57
C SER A 107 19.25 -35.28 3.73
N LYS A 108 19.06 -36.45 3.11
CA LYS A 108 20.09 -37.48 3.17
C LYS A 108 21.37 -37.01 2.50
N ILE A 109 21.25 -36.33 1.36
CA ILE A 109 22.45 -35.88 0.66
C ILE A 109 23.16 -34.79 1.44
N ALA A 110 22.39 -33.89 2.07
CA ALA A 110 23.02 -32.77 2.77
C ALA A 110 23.57 -33.16 4.15
N SER A 111 22.99 -34.18 4.79
CA SER A 111 23.40 -34.60 6.12
C SER A 111 24.49 -35.68 6.07
N ASN A 112 24.29 -36.71 5.26
CA ASN A 112 25.30 -37.75 5.06
C ASN A 112 26.51 -37.15 4.34
N THR A 113 27.66 -37.17 5.01
CA THR A 113 28.86 -36.60 4.40
C THR A 113 29.24 -37.32 3.11
N GLN A 114 29.08 -38.65 3.08
CA GLN A 114 29.43 -39.42 1.89
C GLN A 114 28.53 -39.06 0.71
N SER A 115 27.21 -39.14 0.90
CA SER A 115 26.26 -38.72 -0.13
C SER A 115 26.51 -37.28 -0.55
N ARG A 116 26.92 -36.42 0.39
CA ARG A 116 27.15 -35.02 0.07
C ARG A 116 28.33 -34.87 -0.88
N ARG A 117 29.48 -35.49 -0.55
CA ARG A 117 30.63 -35.40 -1.45
C ARG A 117 30.29 -36.00 -2.82
N THR A 118 29.53 -37.09 -2.83
CA THR A 118 29.15 -37.72 -4.10
C THR A 118 28.34 -36.76 -4.97
N PHE A 119 27.31 -36.15 -4.40
CA PHE A 119 26.46 -35.22 -5.14
C PHE A 119 27.28 -34.03 -5.64
N ILE A 120 28.05 -33.42 -4.73
CA ILE A 120 28.82 -32.24 -5.08
C ILE A 120 29.78 -32.55 -6.22
N LYS A 121 30.46 -33.70 -6.16
CA LYS A 121 31.38 -34.08 -7.22
C LYS A 121 30.63 -34.34 -8.53
N SER A 122 29.42 -34.89 -8.44
CA SER A 122 28.68 -35.20 -9.65
C SER A 122 28.20 -33.94 -10.37
N VAL A 123 28.02 -32.83 -9.65
CA VAL A 123 27.36 -31.67 -10.25
C VAL A 123 28.18 -31.01 -11.36
N PRO A 124 29.43 -30.58 -11.15
CA PRO A 124 30.14 -29.82 -12.21
C PRO A 124 30.26 -30.58 -13.51
N PRO A 125 30.64 -31.87 -13.51
CA PRO A 125 30.72 -32.58 -14.80
C PRO A 125 29.37 -32.72 -15.49
N PHE A 126 28.29 -32.95 -14.74
CA PHE A 126 26.95 -32.99 -15.32
C PHE A 126 26.62 -31.67 -16.01
N LEU A 127 26.84 -30.55 -15.30
CA LEU A 127 26.53 -29.24 -15.86
C LEU A 127 27.37 -28.95 -17.10
N ARG A 128 28.66 -29.27 -17.05
CA ARG A 128 29.52 -29.03 -18.21
C ARG A 128 29.14 -29.92 -19.38
N THR A 129 28.78 -31.18 -19.09
CA THR A 129 28.39 -32.11 -20.14
C THR A 129 27.14 -31.64 -20.86
N HIS A 130 26.18 -31.06 -20.13
CA HIS A 130 24.92 -30.67 -20.75
C HIS A 130 24.80 -29.17 -21.02
N GLY A 131 25.88 -28.41 -20.80
CA GLY A 131 25.92 -27.03 -21.25
C GLY A 131 25.32 -25.99 -20.32
N PHE A 132 25.15 -26.32 -19.04
CA PHE A 132 24.56 -25.38 -18.10
C PHE A 132 25.63 -24.49 -17.48
N ASP A 133 25.28 -23.23 -17.25
CA ASP A 133 26.19 -22.29 -16.62
C ASP A 133 26.13 -22.33 -15.09
N GLY A 134 25.13 -22.98 -14.51
CA GLY A 134 25.15 -23.07 -13.05
C GLY A 134 24.14 -24.04 -12.50
N LEU A 135 24.16 -24.16 -11.17
CA LEU A 135 23.21 -24.95 -10.41
C LEU A 135 22.31 -24.03 -9.57
N ASP A 136 21.04 -24.40 -9.48
CA ASP A 136 20.07 -23.72 -8.63
C ASP A 136 19.53 -24.73 -7.63
N LEU A 137 19.55 -24.38 -6.36
CA LEU A 137 19.03 -25.24 -5.30
C LEU A 137 17.61 -24.82 -4.98
N ALA A 138 16.65 -25.72 -5.16
CA ALA A 138 15.27 -25.45 -4.81
C ALA A 138 14.79 -26.54 -3.85
N TRP A 139 15.47 -26.60 -2.70
CA TRP A 139 15.08 -27.53 -1.64
C TRP A 139 13.92 -26.94 -0.87
N LEU A 140 12.78 -27.63 -0.87
CA LEU A 140 11.55 -27.15 -0.23
C LEU A 140 11.06 -28.22 0.74
N TYR A 141 11.47 -28.16 2.00
CA TYR A 141 12.37 -27.15 2.55
C TYR A 141 13.30 -27.84 3.54
N PRO A 142 14.47 -27.25 3.81
CA PRO A 142 15.41 -27.88 4.74
C PRO A 142 14.81 -28.21 6.09
N GLY A 143 14.03 -27.31 6.66
CA GLY A 143 13.50 -27.55 7.98
C GLY A 143 14.51 -27.31 9.09
N ARG A 144 13.98 -27.31 10.32
CA ARG A 144 14.79 -27.09 11.51
C ARG A 144 15.96 -28.06 11.55
N ARG A 145 15.72 -29.31 11.14
CA ARG A 145 16.74 -30.33 11.27
C ARG A 145 17.85 -30.17 10.26
N ASP A 146 17.59 -29.53 9.13
CA ASP A 146 18.57 -29.43 8.05
C ASP A 146 19.07 -28.02 7.80
N LYS A 147 18.73 -27.04 8.64
CA LYS A 147 19.27 -25.69 8.44
C LYS A 147 20.80 -25.71 8.28
N GLN A 148 21.49 -26.32 9.25
CA GLN A 148 22.95 -26.32 9.22
C GLN A 148 23.49 -27.20 8.10
N HIS A 149 22.86 -28.35 7.85
CA HIS A 149 23.28 -29.18 6.74
C HIS A 149 23.13 -28.44 5.41
N PHE A 150 22.11 -27.60 5.30
CA PHE A 150 21.89 -26.78 4.11
C PHE A 150 23.02 -25.77 3.94
N THR A 151 23.40 -25.11 5.04
CA THR A 151 24.55 -24.21 4.99
C THR A 151 25.81 -24.94 4.54
N THR A 152 26.07 -26.12 5.11
CA THR A 152 27.25 -26.89 4.76
C THR A 152 27.22 -27.28 3.29
N LEU A 153 26.07 -27.74 2.79
CA LEU A 153 25.92 -28.12 1.40
C LEU A 153 26.24 -26.94 0.48
N ILE A 154 25.69 -25.76 0.80
CA ILE A 154 25.95 -24.59 -0.04
C ILE A 154 27.42 -24.22 -0.03
N LYS A 155 28.05 -24.23 1.14
CA LYS A 155 29.46 -23.86 1.23
C LYS A 155 30.33 -24.81 0.42
N GLU A 156 30.12 -26.12 0.58
CA GLU A 156 30.98 -27.07 -0.12
C GLU A 156 30.68 -27.11 -1.61
N MET A 157 29.43 -26.87 -2.02
CA MET A 157 29.10 -26.72 -3.43
C MET A 157 29.86 -25.57 -4.05
N LYS A 158 29.83 -24.40 -3.39
CA LYS A 158 30.57 -23.26 -3.88
C LYS A 158 32.07 -23.55 -3.94
N ALA A 159 32.59 -24.30 -2.95
CA ALA A 159 34.02 -24.62 -2.95
C ALA A 159 34.39 -25.50 -4.13
N GLU A 160 33.56 -26.51 -4.43
CA GLU A 160 33.84 -27.34 -5.59
C GLU A 160 33.74 -26.55 -6.89
N PHE A 161 32.78 -25.63 -6.97
CA PHE A 161 32.71 -24.77 -8.16
C PHE A 161 33.98 -23.93 -8.28
N ILE A 162 34.49 -23.45 -7.16
CA ILE A 162 35.74 -22.67 -7.16
C ILE A 162 36.90 -23.52 -7.67
N LYS A 163 37.00 -24.75 -7.18
CA LYS A 163 38.11 -25.61 -7.58
C LYS A 163 38.03 -25.96 -9.06
N GLU A 164 36.84 -26.35 -9.53
CA GLU A 164 36.69 -26.85 -10.89
C GLU A 164 37.18 -25.85 -11.94
N ALA A 165 37.09 -24.56 -11.67
CA ALA A 165 37.37 -23.55 -12.67
C ALA A 165 38.65 -22.76 -12.41
N GLN A 166 39.41 -23.10 -11.36
CA GLN A 166 40.66 -22.41 -11.10
C GLN A 166 41.58 -22.36 -12.32
N PRO A 167 41.71 -23.41 -13.14
CA PRO A 167 42.43 -23.24 -14.41
C PRO A 167 41.67 -22.37 -15.41
N GLY A 168 41.58 -21.06 -15.12
CA GLY A 168 41.02 -20.07 -16.03
C GLY A 168 39.72 -20.41 -16.74
N LYS A 169 38.83 -21.15 -16.08
CA LYS A 169 37.54 -21.48 -16.64
C LYS A 169 36.48 -20.54 -16.08
N LYS A 170 35.47 -20.24 -16.90
CA LYS A 170 34.34 -19.46 -16.44
C LYS A 170 33.62 -20.22 -15.32
N GLN A 171 33.58 -19.63 -14.14
CA GLN A 171 33.14 -20.36 -12.96
C GLN A 171 31.64 -20.64 -13.00
N LEU A 172 31.27 -21.82 -12.52
CA LEU A 172 29.87 -22.21 -12.45
C LEU A 172 29.14 -21.35 -11.43
N LEU A 173 27.89 -21.00 -11.74
CA LEU A 173 27.07 -20.21 -10.83
C LEU A 173 26.34 -21.13 -9.86
N LEU A 174 26.09 -20.59 -8.66
CA LEU A 174 25.30 -21.28 -7.65
C LEU A 174 24.23 -20.34 -7.13
N SER A 175 22.97 -20.71 -7.31
CA SER A 175 21.84 -19.93 -6.81
C SER A 175 20.96 -20.79 -5.94
N ALA A 176 20.01 -20.16 -5.27
CA ALA A 176 19.06 -20.86 -4.42
C ALA A 176 17.73 -20.13 -4.42
N ALA A 177 16.65 -20.88 -4.58
CA ALA A 177 15.31 -20.34 -4.41
C ALA A 177 14.90 -20.53 -2.95
N LEU A 178 14.64 -19.43 -2.26
CA LEU A 178 14.35 -19.46 -0.84
C LEU A 178 12.90 -19.02 -0.59
N SER A 179 12.30 -19.63 0.42
CA SER A 179 10.92 -19.29 0.77
C SER A 179 10.81 -17.83 1.20
N ALA A 180 9.65 -17.26 0.95
CA ALA A 180 9.35 -15.92 1.45
C ALA A 180 8.55 -15.96 2.75
N GLY A 181 8.33 -17.15 3.31
CA GLY A 181 7.55 -17.29 4.53
C GLY A 181 8.41 -17.17 5.78
N LYS A 182 8.03 -16.25 6.67
CA LYS A 182 8.87 -15.94 7.83
C LYS A 182 9.16 -17.19 8.66
N VAL A 183 8.15 -18.02 8.88
CA VAL A 183 8.36 -19.23 9.69
C VAL A 183 9.37 -20.15 9.02
N THR A 184 9.20 -20.38 7.71
CA THR A 184 10.12 -21.23 6.98
C THR A 184 11.52 -20.64 6.96
N ILE A 185 11.62 -19.31 6.77
CA ILE A 185 12.92 -18.66 6.78
C ILE A 185 13.60 -18.84 8.12
N ASP A 186 12.85 -18.68 9.21
CA ASP A 186 13.42 -18.78 10.55
C ASP A 186 13.89 -20.20 10.84
N SER A 187 13.13 -21.20 10.42
CA SER A 187 13.47 -22.58 10.77
C SER A 187 14.44 -23.23 9.80
N SER A 188 14.55 -22.74 8.57
CA SER A 188 15.23 -23.48 7.51
C SER A 188 16.57 -22.89 7.07
N TYR A 189 16.75 -21.57 7.12
CA TYR A 189 17.90 -20.93 6.49
C TYR A 189 18.73 -20.18 7.51
N ASP A 190 20.04 -20.23 7.31
CA ASP A 190 20.98 -19.31 7.96
C ASP A 190 21.39 -18.31 6.87
N ILE A 191 20.68 -17.17 6.85
CA ILE A 191 20.72 -16.29 5.68
C ILE A 191 22.10 -15.67 5.52
N ALA A 192 22.65 -15.10 6.60
CA ALA A 192 23.91 -14.36 6.48
C ALA A 192 25.05 -15.26 6.04
N LYS A 193 25.02 -16.53 6.45
CA LYS A 193 26.09 -17.45 6.08
C LYS A 193 25.98 -17.89 4.62
N ILE A 194 24.80 -18.38 4.21
CA ILE A 194 24.70 -18.87 2.85
C ILE A 194 24.72 -17.75 1.83
N SER A 195 24.43 -16.51 2.26
CA SER A 195 24.43 -15.39 1.32
C SER A 195 25.80 -15.11 0.75
N GLN A 196 26.87 -15.32 1.53
CA GLN A 196 28.20 -15.03 0.98
C GLN A 196 28.64 -16.07 -0.04
N HIS A 197 28.07 -17.27 -0.02
CA HIS A 197 28.45 -18.32 -0.95
C HIS A 197 27.61 -18.35 -2.22
N LEU A 198 26.34 -17.94 -2.16
CA LEU A 198 25.47 -18.00 -3.31
C LEU A 198 25.72 -16.81 -4.24
N ASP A 199 25.59 -17.07 -5.55
CA ASP A 199 25.73 -15.99 -6.53
C ASP A 199 24.50 -15.09 -6.52
N PHE A 200 23.31 -15.66 -6.39
CA PHE A 200 22.13 -14.86 -6.09
C PHE A 200 21.11 -15.73 -5.37
N ILE A 201 20.19 -15.06 -4.68
CA ILE A 201 19.10 -15.69 -3.96
C ILE A 201 17.80 -15.25 -4.61
N SER A 202 17.00 -16.20 -5.08
CA SER A 202 15.67 -15.89 -5.59
C SER A 202 14.67 -16.08 -4.45
N ILE A 203 14.08 -14.98 -3.98
CA ILE A 203 13.09 -15.07 -2.90
C ILE A 203 11.71 -15.28 -3.51
N MET A 204 11.04 -16.34 -3.06
CA MET A 204 9.80 -16.82 -3.67
C MET A 204 8.60 -16.05 -3.10
N THR A 205 8.53 -14.78 -3.49
CA THR A 205 7.52 -13.85 -2.96
C THR A 205 6.17 -14.06 -3.65
N TYR A 206 5.67 -15.27 -3.52
CA TYR A 206 4.34 -15.67 -3.98
C TYR A 206 3.97 -16.92 -3.19
N ASP A 207 2.78 -17.46 -3.48
CA ASP A 207 2.19 -18.55 -2.68
C ASP A 207 2.05 -18.15 -1.21
N PHE A 208 1.82 -16.87 -0.94
CA PHE A 208 1.60 -16.44 0.43
C PHE A 208 0.29 -17.00 0.95
N HIS A 209 0.32 -17.54 2.17
CA HIS A 209 -0.89 -18.00 2.86
C HIS A 209 -1.42 -16.86 3.73
N GLY A 210 -1.68 -15.75 3.05
CA GLY A 210 -2.00 -14.52 3.73
C GLY A 210 -3.36 -14.52 4.40
N ALA A 211 -4.40 -14.96 3.68
CA ALA A 211 -5.78 -14.67 4.09
C ALA A 211 -6.21 -15.45 5.32
N TRP A 212 -7.20 -14.91 6.02
CA TRP A 212 -7.89 -15.64 7.07
C TRP A 212 -8.47 -16.93 6.51
N ARG A 213 -8.58 -17.95 7.35
CA ARG A 213 -9.00 -19.26 6.86
C ARG A 213 -10.43 -19.18 6.31
N GLY A 214 -10.67 -19.98 5.27
CA GLY A 214 -11.97 -20.01 4.61
C GLY A 214 -12.31 -18.73 3.89
N THR A 215 -11.31 -18.01 3.40
CA THR A 215 -11.48 -16.63 2.97
C THR A 215 -10.55 -16.32 1.79
N THR A 216 -11.02 -15.45 0.90
CA THR A 216 -10.21 -15.04 -0.24
C THR A 216 -9.02 -14.20 0.20
N GLY A 217 -7.92 -14.34 -0.54
CA GLY A 217 -6.74 -13.52 -0.31
C GLY A 217 -5.80 -13.61 -1.48
N HIS A 218 -5.11 -12.50 -1.76
CA HIS A 218 -4.11 -12.47 -2.81
C HIS A 218 -2.84 -13.18 -2.34
N HIS A 219 -2.35 -14.10 -3.16
CA HIS A 219 -1.20 -14.92 -2.81
C HIS A 219 0.13 -14.21 -3.03
N SER A 220 0.15 -13.07 -3.72
CA SER A 220 1.39 -12.35 -3.96
C SER A 220 1.17 -10.85 -3.85
N PRO A 221 0.70 -10.36 -2.71
CA PRO A 221 0.54 -8.91 -2.57
C PRO A 221 1.90 -8.24 -2.35
N LEU A 222 2.01 -7.01 -2.85
CA LEU A 222 3.25 -6.27 -2.68
C LEU A 222 3.40 -5.77 -1.25
N PHE A 223 2.41 -5.04 -0.76
CA PHE A 223 2.43 -4.50 0.60
C PHE A 223 1.34 -5.16 1.43
N ARG A 224 1.38 -4.92 2.74
CA ARG A 224 0.35 -5.47 3.62
C ARG A 224 -1.04 -4.99 3.23
N GLY A 225 -1.18 -3.73 2.85
CA GLY A 225 -2.48 -3.19 2.53
C GLY A 225 -3.25 -2.83 3.79
N GLN A 226 -4.58 -2.87 3.69
CA GLN A 226 -5.46 -2.52 4.81
C GLN A 226 -5.11 -3.35 6.04
N GLU A 227 -4.77 -2.66 7.12
CA GLU A 227 -4.19 -3.34 8.28
C GLU A 227 -5.15 -4.34 8.90
N ASP A 228 -6.42 -3.94 9.12
CA ASP A 228 -7.36 -4.82 9.78
C ASP A 228 -8.01 -5.83 8.83
N ALA A 229 -7.64 -5.83 7.56
CA ALA A 229 -8.09 -6.82 6.59
C ALA A 229 -7.05 -7.90 6.35
N SER A 230 -5.93 -7.86 7.08
CA SER A 230 -4.85 -8.81 6.94
C SER A 230 -4.64 -9.55 8.25
N PRO A 231 -4.57 -10.87 8.23
CA PRO A 231 -4.36 -11.61 9.50
C PRO A 231 -2.98 -11.45 10.10
N ASP A 232 -1.95 -11.22 9.29
CA ASP A 232 -0.61 -11.06 9.84
C ASP A 232 0.14 -10.02 9.02
N ARG A 233 1.36 -9.71 9.47
CA ARG A 233 2.21 -8.72 8.83
C ARG A 233 3.19 -9.31 7.83
N PHE A 234 3.48 -10.62 7.91
CA PHE A 234 4.56 -11.22 7.13
C PHE A 234 4.12 -11.81 5.80
N SER A 235 2.82 -11.84 5.51
CA SER A 235 2.34 -12.53 4.32
C SER A 235 2.25 -11.59 3.11
N ASN A 236 3.33 -10.86 2.85
CA ASN A 236 3.38 -9.97 1.70
C ASN A 236 4.82 -9.85 1.23
N THR A 237 4.98 -9.41 -0.02
CA THR A 237 6.29 -9.34 -0.64
C THR A 237 7.21 -8.37 0.09
N ASP A 238 6.69 -7.19 0.42
CA ASP A 238 7.50 -6.15 1.06
C ASP A 238 8.13 -6.66 2.36
N TYR A 239 7.33 -7.30 3.20
CA TYR A 239 7.85 -7.81 4.46
C TYR A 239 8.95 -8.84 4.22
N ALA A 240 8.73 -9.74 3.25
CA ALA A 240 9.71 -10.81 3.02
C ALA A 240 11.03 -10.24 2.51
N VAL A 241 10.96 -9.27 1.59
CA VAL A 241 12.17 -8.64 1.10
C VAL A 241 12.90 -7.94 2.24
N GLY A 242 12.16 -7.16 3.04
CA GLY A 242 12.77 -6.45 4.14
C GLY A 242 13.36 -7.39 5.18
N TYR A 243 12.70 -8.51 5.44
CA TYR A 243 13.19 -9.46 6.42
C TYR A 243 14.47 -10.12 5.93
N MET A 244 14.48 -10.58 4.67
CA MET A 244 15.68 -11.22 4.14
C MET A 244 16.84 -10.24 4.08
N LEU A 245 16.58 -8.96 3.78
CA LEU A 245 17.63 -7.95 3.89
C LEU A 245 18.08 -7.79 5.34
N ARG A 246 17.14 -7.78 6.28
CA ARG A 246 17.46 -7.60 7.69
C ARG A 246 18.27 -8.76 8.24
N LEU A 247 18.12 -9.95 7.65
CA LEU A 247 18.85 -11.13 8.11
C LEU A 247 20.26 -11.21 7.54
N GLY A 248 20.66 -10.28 6.68
CA GLY A 248 22.01 -10.22 6.17
C GLY A 248 22.21 -10.64 4.72
N ALA A 249 21.17 -10.63 3.90
CA ALA A 249 21.33 -10.91 2.48
C ALA A 249 21.57 -9.61 1.74
N PRO A 250 22.68 -9.47 1.01
CA PRO A 250 22.93 -8.22 0.28
C PRO A 250 21.86 -7.99 -0.77
N ALA A 251 21.43 -6.74 -0.90
CA ALA A 251 20.47 -6.38 -1.94
C ALA A 251 20.99 -6.77 -3.33
N SER A 252 22.29 -6.61 -3.55
CA SER A 252 22.89 -6.93 -4.83
C SER A 252 22.86 -8.43 -5.14
N LYS A 253 22.48 -9.27 -4.18
CA LYS A 253 22.35 -10.71 -4.40
C LYS A 253 20.89 -11.18 -4.33
N LEU A 254 19.95 -10.26 -4.22
CA LEU A 254 18.53 -10.58 -4.00
C LEU A 254 17.75 -10.42 -5.29
N VAL A 255 17.09 -11.49 -5.72
CA VAL A 255 16.23 -11.50 -6.89
C VAL A 255 14.82 -11.76 -6.41
N MET A 256 13.92 -10.82 -6.65
CA MET A 256 12.58 -10.85 -6.09
C MET A 256 11.64 -11.58 -7.05
N GLY A 257 10.98 -12.63 -6.56
CA GLY A 257 10.15 -13.44 -7.42
C GLY A 257 8.81 -12.77 -7.73
N ILE A 258 8.39 -12.91 -8.97
CA ILE A 258 7.10 -12.41 -9.46
C ILE A 258 6.40 -13.57 -10.17
N PRO A 259 5.14 -13.85 -9.85
CA PRO A 259 4.46 -15.00 -10.46
C PRO A 259 3.71 -14.65 -11.73
N THR A 260 3.82 -15.53 -12.73
CA THR A 260 2.95 -15.50 -13.90
C THR A 260 1.77 -16.46 -13.74
N PHE A 261 1.37 -16.72 -12.50
CA PHE A 261 0.22 -17.54 -12.19
C PHE A 261 -0.58 -16.85 -11.10
N GLY A 262 -1.82 -17.29 -10.96
CA GLY A 262 -2.74 -16.72 -9.99
C GLY A 262 -3.33 -17.79 -9.11
N ARG A 263 -3.74 -17.37 -7.92
CA ARG A 263 -4.34 -18.25 -6.91
C ARG A 263 -5.84 -18.04 -6.89
N SER A 264 -6.59 -19.15 -6.98
CA SER A 264 -8.03 -19.11 -7.22
C SER A 264 -8.81 -19.79 -6.10
N PHE A 265 -10.04 -19.32 -5.91
CA PHE A 265 -10.96 -19.78 -4.88
C PHE A 265 -12.35 -19.88 -5.46
N THR A 266 -13.15 -20.79 -4.89
CA THR A 266 -14.56 -20.90 -5.17
C THR A 266 -15.31 -20.10 -4.11
N LEU A 267 -15.99 -19.04 -4.53
CA LEU A 267 -16.72 -18.20 -3.58
C LEU A 267 -17.92 -18.94 -3.03
N ALA A 268 -18.30 -18.59 -1.79
CA ALA A 268 -19.43 -19.21 -1.12
C ALA A 268 -20.60 -18.26 -0.93
N SER A 269 -20.50 -17.03 -1.44
CA SER A 269 -21.52 -16.03 -1.20
C SER A 269 -21.44 -14.97 -2.29
N SER A 270 -22.32 -13.97 -2.19
CA SER A 270 -22.27 -12.82 -3.11
C SER A 270 -21.11 -11.88 -2.80
N GLU A 271 -20.40 -12.09 -1.70
CA GLU A 271 -19.23 -11.29 -1.40
C GLU A 271 -18.10 -11.65 -2.36
N THR A 272 -17.52 -10.63 -3.00
CA THR A 272 -16.47 -10.81 -4.01
C THR A 272 -15.19 -10.05 -3.68
N GLY A 273 -15.05 -9.54 -2.46
CA GLY A 273 -13.89 -8.74 -2.09
C GLY A 273 -12.83 -9.55 -1.35
N VAL A 274 -11.74 -8.85 -1.03
CA VAL A 274 -10.73 -9.44 -0.15
C VAL A 274 -11.37 -9.70 1.21
N GLY A 275 -11.39 -10.97 1.62
CA GLY A 275 -12.03 -11.36 2.86
C GLY A 275 -13.31 -12.16 2.68
N ALA A 276 -13.74 -12.43 1.46
CA ALA A 276 -14.99 -13.13 1.23
C ALA A 276 -14.87 -14.61 1.59
N PRO A 277 -15.93 -15.22 2.12
CA PRO A 277 -15.87 -16.64 2.44
C PRO A 277 -15.79 -17.50 1.18
N ILE A 278 -15.20 -18.69 1.36
CA ILE A 278 -14.98 -19.62 0.25
C ILE A 278 -15.34 -21.03 0.72
N SER A 279 -15.60 -21.90 -0.25
CA SER A 279 -15.83 -23.31 0.01
C SER A 279 -14.66 -24.18 -0.42
N GLY A 280 -13.61 -23.60 -0.99
CA GLY A 280 -12.45 -24.36 -1.41
C GLY A 280 -11.70 -23.71 -2.54
N PRO A 281 -10.77 -24.46 -3.14
CA PRO A 281 -9.97 -23.91 -4.25
C PRO A 281 -10.83 -23.64 -5.47
N GLY A 282 -10.29 -22.81 -6.35
CA GLY A 282 -10.97 -22.48 -7.59
C GLY A 282 -11.00 -23.64 -8.56
N ILE A 283 -11.83 -23.50 -9.59
CA ILE A 283 -11.98 -24.55 -10.58
C ILE A 283 -10.70 -24.64 -11.41
N PRO A 284 -10.16 -25.83 -11.65
CA PRO A 284 -8.91 -25.94 -12.41
C PRO A 284 -9.05 -25.40 -13.82
N GLY A 285 -7.97 -24.80 -14.31
CA GLY A 285 -7.96 -24.29 -15.67
C GLY A 285 -7.89 -25.42 -16.69
N ARG A 286 -8.25 -25.07 -17.92
CA ARG A 286 -8.33 -26.06 -18.99
C ARG A 286 -6.98 -26.71 -19.25
N PHE A 287 -5.90 -25.95 -19.13
CA PHE A 287 -4.58 -26.41 -19.54
C PHE A 287 -3.72 -26.91 -18.39
N THR A 288 -3.73 -26.23 -17.25
CA THR A 288 -2.86 -26.64 -16.15
C THR A 288 -3.52 -27.68 -15.23
N LYS A 289 -4.84 -27.70 -15.15
CA LYS A 289 -5.59 -28.80 -14.53
C LYS A 289 -5.21 -29.02 -13.07
N GLU A 290 -5.14 -27.93 -12.30
CA GLU A 290 -4.80 -28.02 -10.89
C GLU A 290 -5.67 -27.05 -10.11
N ALA A 291 -6.54 -27.59 -9.26
CA ALA A 291 -7.47 -26.76 -8.50
C ALA A 291 -6.71 -25.76 -7.63
N GLY A 292 -7.13 -24.50 -7.71
CA GLY A 292 -6.54 -23.45 -6.91
C GLY A 292 -5.53 -22.57 -7.62
N THR A 293 -5.11 -22.94 -8.83
CA THR A 293 -4.07 -22.21 -9.55
C THR A 293 -4.46 -22.06 -11.01
N LEU A 294 -4.08 -20.93 -11.60
CA LEU A 294 -4.29 -20.68 -13.03
C LEU A 294 -3.03 -20.08 -13.63
N ALA A 295 -2.67 -20.50 -14.84
CA ALA A 295 -1.62 -19.80 -15.58
C ALA A 295 -2.15 -18.46 -16.06
N TYR A 296 -1.23 -17.53 -16.34
CA TYR A 296 -1.66 -16.18 -16.70
C TYR A 296 -2.46 -16.16 -18.00
N TYR A 297 -2.16 -17.03 -18.95
CA TYR A 297 -2.97 -17.07 -20.17
C TYR A 297 -4.34 -17.68 -19.90
N GLU A 298 -4.40 -18.67 -19.00
CA GLU A 298 -5.69 -19.15 -18.52
C GLU A 298 -6.48 -18.03 -17.87
N ILE A 299 -5.80 -17.17 -17.11
CA ILE A 299 -6.46 -16.03 -16.48
C ILE A 299 -6.92 -15.04 -17.54
N CYS A 300 -6.16 -14.88 -18.62
CA CYS A 300 -6.57 -13.99 -19.70
C CYS A 300 -7.87 -14.49 -20.32
N ASP A 301 -7.96 -15.81 -20.53
CA ASP A 301 -9.24 -16.38 -20.96
C ASP A 301 -10.33 -16.12 -19.93
N PHE A 302 -10.01 -16.27 -18.64
CA PHE A 302 -10.99 -16.06 -17.58
C PHE A 302 -11.50 -14.63 -17.55
N LEU A 303 -10.67 -13.66 -17.93
CA LEU A 303 -11.02 -12.25 -17.81
C LEU A 303 -12.14 -11.84 -18.75
N ARG A 304 -12.38 -12.60 -19.81
CA ARG A 304 -13.50 -12.33 -20.70
C ARG A 304 -14.80 -12.44 -19.94
N GLY A 305 -15.41 -11.29 -19.63
CA GLY A 305 -16.67 -11.26 -18.91
C GLY A 305 -16.55 -11.08 -17.41
N ALA A 306 -15.35 -10.95 -16.87
CA ALA A 306 -15.15 -10.84 -15.44
C ALA A 306 -14.90 -9.39 -15.05
N THR A 307 -14.94 -9.14 -13.74
CA THR A 307 -14.63 -7.81 -13.23
C THR A 307 -13.32 -7.84 -12.46
N VAL A 308 -12.48 -6.84 -12.70
CA VAL A 308 -11.15 -6.72 -12.11
C VAL A 308 -11.19 -5.61 -11.08
N HIS A 309 -10.79 -5.93 -9.85
CA HIS A 309 -10.58 -4.93 -8.81
C HIS A 309 -9.12 -4.95 -8.40
N ARG A 310 -8.50 -3.78 -8.40
CA ARG A 310 -7.14 -3.64 -7.91
C ARG A 310 -7.18 -3.42 -6.41
N ILE A 311 -6.55 -4.32 -5.65
CA ILE A 311 -6.52 -4.19 -4.20
C ILE A 311 -5.71 -2.95 -3.85
N LEU A 312 -6.37 -1.96 -3.24
CA LEU A 312 -5.80 -0.64 -3.04
C LEU A 312 -4.44 -0.69 -2.35
N GLY A 313 -4.41 -1.25 -1.13
CA GLY A 313 -3.18 -1.23 -0.37
C GLY A 313 -2.14 -2.23 -0.80
N GLN A 314 -2.54 -3.26 -1.56
CA GLN A 314 -1.64 -4.34 -1.90
C GLN A 314 -1.10 -4.25 -3.32
N GLN A 315 -1.66 -3.39 -4.16
CA GLN A 315 -1.13 -3.05 -5.48
C GLN A 315 -1.16 -4.20 -6.46
N VAL A 316 -2.04 -5.17 -6.25
CA VAL A 316 -2.17 -6.30 -7.17
C VAL A 316 -3.64 -6.48 -7.52
N PRO A 317 -3.96 -7.05 -8.68
CA PRO A 317 -5.37 -7.24 -9.04
C PRO A 317 -5.93 -8.60 -8.64
N TYR A 318 -7.23 -8.61 -8.44
CA TYR A 318 -7.99 -9.84 -8.47
C TYR A 318 -9.13 -9.68 -9.47
N ALA A 319 -9.60 -10.82 -9.96
CA ALA A 319 -10.68 -10.87 -10.91
C ALA A 319 -11.72 -11.84 -10.40
N THR A 320 -13.00 -11.46 -10.53
CA THR A 320 -14.09 -12.31 -10.09
C THR A 320 -15.11 -12.46 -11.20
N LYS A 321 -15.69 -13.65 -11.25
CA LYS A 321 -16.73 -14.01 -12.22
C LYS A 321 -17.49 -15.19 -11.65
N GLY A 322 -18.79 -15.01 -11.45
CA GLY A 322 -19.57 -16.07 -10.82
C GLY A 322 -19.02 -16.42 -9.46
N ASN A 323 -18.98 -17.72 -9.18
CA ASN A 323 -18.42 -18.22 -7.93
C ASN A 323 -16.90 -18.34 -7.96
N GLN A 324 -16.23 -17.70 -8.92
CA GLN A 324 -14.79 -17.85 -9.12
C GLN A 324 -14.06 -16.55 -8.80
N TRP A 325 -12.98 -16.66 -8.03
CA TRP A 325 -12.18 -15.53 -7.58
C TRP A 325 -10.72 -15.88 -7.79
N VAL A 326 -9.95 -15.01 -8.44
CA VAL A 326 -8.54 -15.30 -8.64
C VAL A 326 -7.72 -14.05 -8.40
N GLY A 327 -6.73 -14.15 -7.52
CA GLY A 327 -5.77 -13.08 -7.31
C GLY A 327 -4.54 -13.36 -8.14
N TYR A 328 -4.15 -12.38 -8.95
CA TYR A 328 -3.09 -12.61 -9.92
C TYR A 328 -2.25 -11.35 -10.07
N ASP A 329 -1.27 -11.42 -10.97
CA ASP A 329 -0.43 -10.29 -11.35
C ASP A 329 -0.67 -9.97 -12.82
N ASP A 330 -0.77 -8.69 -13.12
CA ASP A 330 -0.90 -8.23 -14.49
C ASP A 330 0.23 -7.27 -14.82
N GLN A 331 0.17 -6.64 -15.99
CA GLN A 331 1.28 -5.82 -16.46
C GLN A 331 1.53 -4.64 -15.52
N GLU A 332 0.45 -3.97 -15.09
CA GLU A 332 0.58 -2.85 -14.17
C GLU A 332 1.19 -3.29 -12.84
N SER A 333 0.74 -4.43 -12.30
CA SER A 333 1.22 -4.86 -10.99
C SER A 333 2.68 -5.28 -11.05
N VAL A 334 3.10 -5.97 -12.12
CA VAL A 334 4.51 -6.35 -12.19
C VAL A 334 5.38 -5.12 -12.44
N LYS A 335 4.86 -4.11 -13.15
CA LYS A 335 5.60 -2.86 -13.25
C LYS A 335 5.81 -2.24 -11.87
N SER A 336 4.74 -2.24 -11.05
CA SER A 336 4.86 -1.71 -9.69
C SER A 336 5.89 -2.50 -8.88
N LYS A 337 5.88 -3.83 -9.00
CA LYS A 337 6.80 -4.65 -8.24
C LYS A 337 8.25 -4.43 -8.68
N VAL A 338 8.46 -4.21 -9.98
CA VAL A 338 9.81 -3.90 -10.44
C VAL A 338 10.27 -2.56 -9.90
N GLN A 339 9.36 -1.57 -9.85
CA GLN A 339 9.73 -0.29 -9.25
C GLN A 339 10.10 -0.46 -7.78
N TYR A 340 9.37 -1.33 -7.08
CA TYR A 340 9.72 -1.62 -5.68
C TYR A 340 11.12 -2.20 -5.58
N LEU A 341 11.42 -3.25 -6.37
CA LEU A 341 12.73 -3.89 -6.25
C LEU A 341 13.85 -2.94 -6.64
N LYS A 342 13.62 -2.04 -7.60
CA LYS A 342 14.67 -1.09 -7.97
C LYS A 342 14.87 -0.05 -6.88
N ASP A 343 13.77 0.46 -6.31
CA ASP A 343 13.90 1.38 -5.17
C ASP A 343 14.69 0.72 -4.04
N ARG A 344 14.49 -0.58 -3.85
CA ARG A 344 15.27 -1.34 -2.87
C ARG A 344 16.68 -1.67 -3.36
N GLN A 345 16.96 -1.41 -4.64
CA GLN A 345 18.27 -1.71 -5.23
C GLN A 345 18.60 -3.19 -5.15
N LEU A 346 17.60 -4.04 -5.46
CA LEU A 346 17.84 -5.47 -5.51
C LEU A 346 18.50 -5.85 -6.85
N ALA A 347 18.98 -7.10 -6.91
CA ALA A 347 19.67 -7.58 -8.09
C ALA A 347 18.78 -7.71 -9.31
N GLY A 348 17.47 -7.78 -9.13
CA GLY A 348 16.56 -7.91 -10.24
C GLY A 348 15.32 -8.67 -9.85
N ALA A 349 14.67 -9.24 -10.86
CA ALA A 349 13.40 -9.95 -10.70
C ALA A 349 13.54 -11.40 -11.12
N MET A 350 12.79 -12.28 -10.44
CA MET A 350 12.69 -13.68 -10.81
C MET A 350 11.24 -13.95 -11.21
N VAL A 351 11.06 -14.86 -12.18
CA VAL A 351 9.76 -15.13 -12.78
C VAL A 351 9.47 -16.61 -12.71
N TRP A 352 8.34 -16.97 -12.09
CA TRP A 352 7.80 -18.32 -12.15
C TRP A 352 6.38 -18.24 -12.69
N ALA A 353 6.15 -18.74 -13.91
CA ALA A 353 7.19 -19.35 -14.74
C ALA A 353 6.95 -19.00 -16.20
N LEU A 354 7.98 -19.16 -17.03
CA LEU A 354 7.88 -18.79 -18.45
C LEU A 354 6.74 -19.52 -19.14
N ASP A 355 6.55 -20.80 -18.83
CA ASP A 355 5.51 -21.60 -19.47
C ASP A 355 4.12 -21.27 -18.94
N LEU A 356 4.01 -20.45 -17.89
CA LEU A 356 2.72 -19.98 -17.40
C LEU A 356 2.36 -18.59 -17.89
N ASP A 357 3.35 -17.83 -18.35
CA ASP A 357 3.07 -16.62 -19.12
C ASP A 357 2.41 -17.01 -20.45
N ASP A 358 1.85 -16.01 -21.13
CA ASP A 358 1.29 -16.24 -22.45
C ASP A 358 2.45 -16.30 -23.45
N PHE A 359 3.04 -17.50 -23.57
CA PHE A 359 4.24 -17.65 -24.38
C PHE A 359 3.94 -17.69 -25.87
N GLN A 360 2.77 -18.19 -26.26
CA GLN A 360 2.36 -18.18 -27.67
C GLN A 360 1.62 -16.91 -28.06
N GLY A 361 1.50 -15.94 -27.15
CA GLY A 361 0.86 -14.68 -27.48
C GLY A 361 -0.61 -14.78 -27.85
N SER A 362 -1.30 -15.81 -27.35
CA SER A 362 -2.68 -16.08 -27.73
C SER A 362 -3.66 -15.02 -27.28
N PHE A 363 -3.24 -14.06 -26.45
CA PHE A 363 -4.15 -13.02 -25.97
C PHE A 363 -3.56 -11.61 -26.12
N LEU A 368 1.99 -9.84 -29.70
CA LEU A 368 3.27 -10.17 -29.07
C LEU A 368 3.12 -11.36 -28.13
N ARG A 369 4.24 -11.85 -27.62
CA ARG A 369 4.28 -12.98 -26.71
C ARG A 369 4.94 -12.56 -25.40
N PHE A 370 4.84 -13.44 -24.40
CA PHE A 370 5.39 -13.21 -23.06
C PHE A 370 4.99 -11.85 -22.50
N PRO A 371 3.69 -11.55 -22.39
CA PRO A 371 3.31 -10.18 -21.98
C PRO A 371 3.80 -9.82 -20.59
N LEU A 372 3.65 -10.72 -19.62
CA LEU A 372 4.06 -10.39 -18.26
C LEU A 372 5.57 -10.27 -18.14
N THR A 373 6.31 -11.23 -18.69
CA THR A 373 7.76 -11.17 -18.60
C THR A 373 8.33 -10.01 -19.39
N ASN A 374 7.74 -9.69 -20.54
CA ASN A 374 8.19 -8.52 -21.29
C ASN A 374 7.87 -7.23 -20.53
N ALA A 375 6.74 -7.18 -19.82
CA ALA A 375 6.45 -6.05 -18.96
C ALA A 375 7.52 -5.90 -17.88
N ILE A 376 7.90 -7.02 -17.26
CA ILE A 376 8.94 -6.99 -16.24
C ILE A 376 10.26 -6.50 -16.85
N LYS A 377 10.59 -6.99 -18.04
CA LYS A 377 11.86 -6.63 -18.67
C LYS A 377 11.89 -5.14 -19.01
N ASP A 378 10.82 -4.64 -19.62
CA ASP A 378 10.74 -3.20 -19.93
C ASP A 378 10.84 -2.37 -18.66
N ALA A 379 10.08 -2.74 -17.62
CA ALA A 379 10.12 -1.99 -16.37
C ALA A 379 11.50 -2.02 -15.73
N LEU A 380 12.25 -3.11 -15.94
CA LEU A 380 13.61 -3.18 -15.42
C LEU A 380 14.51 -2.15 -16.09
N ALA A 381 14.22 -1.79 -17.35
CA ALA A 381 14.92 -0.72 -18.04
C ALA A 381 14.40 0.61 -17.51
N ALA A 382 15.05 1.08 -16.44
CA ALA A 382 14.60 2.31 -15.77
C ALA A 382 14.63 3.49 -16.73
N THR A 383 13.56 4.27 -16.72
CA THR A 383 13.45 5.49 -17.52
C THR A 383 13.82 5.26 -18.99
N TYR B 22 -23.36 10.29 -0.18
CA TYR B 22 -22.09 10.60 0.47
C TYR B 22 -22.02 12.06 0.88
N LYS B 23 -21.56 12.30 2.11
CA LYS B 23 -21.32 13.67 2.57
C LYS B 23 -19.98 14.17 2.07
N LEU B 24 -19.92 15.45 1.73
CA LEU B 24 -18.67 16.13 1.40
C LEU B 24 -18.58 17.34 2.32
N VAL B 25 -17.77 17.24 3.36
CA VAL B 25 -17.66 18.26 4.40
C VAL B 25 -16.40 19.06 4.15
N CYS B 26 -16.54 20.37 3.95
CA CYS B 26 -15.42 21.22 3.59
C CYS B 26 -15.31 22.40 4.54
N TYR B 27 -14.09 22.67 5.01
CA TYR B 27 -13.85 23.77 5.93
C TYR B 27 -13.46 25.03 5.17
N TYR B 28 -14.00 26.16 5.59
CA TYR B 28 -13.49 27.48 5.24
C TYR B 28 -12.92 28.13 6.49
N THR B 29 -11.78 28.81 6.33
CA THR B 29 -11.10 29.45 7.44
C THR B 29 -11.22 30.96 7.30
N SER B 30 -11.65 31.63 8.37
CA SER B 30 -11.90 33.06 8.30
C SER B 30 -10.62 33.82 7.97
N TRP B 31 -9.52 33.49 8.65
CA TRP B 31 -8.27 34.21 8.43
C TRP B 31 -7.76 34.14 7.00
N SER B 32 -8.23 33.16 6.22
CA SER B 32 -7.86 33.09 4.82
C SER B 32 -8.21 34.36 4.06
N GLN B 33 -9.11 35.19 4.58
CA GLN B 33 -9.44 36.44 3.90
C GLN B 33 -8.26 37.39 3.85
N TYR B 34 -7.28 37.24 4.75
CA TYR B 34 -6.22 38.23 4.86
C TYR B 34 -5.00 37.93 4.00
N ARG B 35 -4.99 36.82 3.26
CA ARG B 35 -3.83 36.48 2.45
C ARG B 35 -3.73 37.42 1.24
N GLU B 36 -2.50 37.69 0.84
CA GLU B 36 -2.25 38.70 -0.19
C GLU B 36 -2.74 38.25 -1.56
N GLY B 37 -3.11 39.22 -2.39
CA GLY B 37 -3.40 38.97 -3.78
C GLY B 37 -4.48 37.93 -3.98
N ASP B 38 -4.24 37.02 -4.92
CA ASP B 38 -5.20 35.96 -5.20
C ASP B 38 -5.31 34.97 -4.05
N GLY B 39 -4.38 35.00 -3.11
CA GLY B 39 -4.51 34.16 -1.93
C GLY B 39 -5.71 34.53 -1.08
N SER B 40 -6.15 35.79 -1.18
CA SER B 40 -7.32 36.25 -0.44
C SER B 40 -8.54 35.41 -0.83
N CYS B 41 -9.21 34.86 0.18
CA CYS B 41 -10.34 33.97 -0.03
C CYS B 41 -11.49 34.41 0.87
N PHE B 42 -12.62 34.76 0.27
CA PHE B 42 -13.83 35.14 0.97
C PHE B 42 -14.93 34.12 0.69
N PRO B 43 -15.92 34.02 1.57
CA PRO B 43 -16.95 32.96 1.40
C PRO B 43 -17.72 33.05 0.09
N ASP B 44 -17.74 34.19 -0.60
CA ASP B 44 -18.40 34.24 -1.91
C ASP B 44 -17.56 33.60 -3.01
N ALA B 45 -16.27 33.34 -2.76
CA ALA B 45 -15.47 32.59 -3.70
C ALA B 45 -15.80 31.11 -3.72
N LEU B 46 -16.58 30.64 -2.75
CA LEU B 46 -16.87 29.22 -2.62
C LEU B 46 -18.00 28.81 -3.57
N ASP B 47 -17.81 27.66 -4.22
CA ASP B 47 -18.86 27.08 -5.06
C ASP B 47 -19.94 26.49 -4.16
N ARG B 48 -21.18 26.96 -4.34
CA ARG B 48 -22.27 26.53 -3.47
C ARG B 48 -22.73 25.11 -3.75
N PHE B 49 -22.39 24.55 -4.91
CA PHE B 49 -22.74 23.18 -5.26
C PHE B 49 -21.60 22.19 -5.05
N LEU B 50 -20.41 22.67 -4.71
CA LEU B 50 -19.25 21.81 -4.55
C LEU B 50 -19.45 20.83 -3.40
N CYS B 51 -19.69 21.35 -2.20
CA CYS B 51 -19.78 20.54 -1.00
C CYS B 51 -21.21 20.43 -0.53
N THR B 52 -21.49 19.36 0.21
CA THR B 52 -22.77 19.22 0.88
C THR B 52 -22.78 19.85 2.26
N HIS B 53 -21.61 20.08 2.85
CA HIS B 53 -21.48 20.80 4.10
C HIS B 53 -20.29 21.74 4.01
N ILE B 54 -20.46 22.97 4.51
CA ILE B 54 -19.37 23.92 4.65
C ILE B 54 -19.31 24.35 6.10
N ILE B 55 -18.15 24.20 6.72
CA ILE B 55 -17.95 24.51 8.13
C ILE B 55 -17.13 25.78 8.23
N TYR B 56 -17.72 26.81 8.83
CA TYR B 56 -16.99 28.04 9.11
C TYR B 56 -16.16 27.88 10.38
N SER B 57 -14.89 28.26 10.31
CA SER B 57 -13.97 28.07 11.41
C SER B 57 -13.04 29.26 11.52
N PHE B 58 -12.85 29.79 12.73
CA PHE B 58 -13.51 29.28 13.94
C PHE B 58 -14.32 30.36 14.65
N ALA B 59 -15.16 29.93 15.59
CA ALA B 59 -15.81 30.84 16.53
C ALA B 59 -15.09 30.81 17.87
N ASN B 60 -15.39 31.79 18.71
CA ASN B 60 -14.76 31.95 20.01
C ASN B 60 -15.72 31.54 21.12
N ILE B 61 -15.15 31.21 22.28
CA ILE B 61 -15.91 31.10 23.52
C ILE B 61 -15.45 32.24 24.42
N SER B 62 -16.38 33.14 24.74
CA SER B 62 -16.10 34.31 25.56
C SER B 62 -17.19 34.44 26.63
N ASN B 63 -16.76 34.55 27.89
CA ASN B 63 -17.69 34.56 29.02
C ASN B 63 -18.57 33.31 29.02
N ASP B 64 -18.00 32.20 28.53
CA ASP B 64 -18.70 30.92 28.39
C ASP B 64 -19.86 30.99 27.41
N HIS B 65 -19.80 31.91 26.44
CA HIS B 65 -20.77 32.05 25.37
C HIS B 65 -20.09 31.87 24.03
N ILE B 66 -20.82 31.34 23.05
CA ILE B 66 -20.29 31.29 21.69
C ILE B 66 -20.38 32.69 21.08
N ASP B 67 -19.26 33.21 20.62
CA ASP B 67 -19.17 34.55 20.08
C ASP B 67 -18.30 34.53 18.83
N THR B 68 -18.20 35.69 18.18
CA THR B 68 -17.42 35.82 16.95
C THR B 68 -15.94 35.97 17.27
N TRP B 69 -15.12 35.85 16.23
CA TRP B 69 -13.68 35.95 16.35
C TRP B 69 -13.12 37.09 15.51
N GLU B 70 -13.35 37.07 14.20
CA GLU B 70 -12.88 38.15 13.34
C GLU B 70 -13.88 39.29 13.34
N TRP B 71 -13.39 40.50 13.03
CA TRP B 71 -14.23 41.69 13.07
C TRP B 71 -15.38 41.59 12.07
N ASN B 72 -15.14 41.01 10.90
CA ASN B 72 -16.15 40.87 9.87
C ASN B 72 -16.84 39.51 9.92
N ASP B 73 -16.84 38.86 11.08
CA ASP B 73 -17.42 37.52 11.16
C ASP B 73 -18.91 37.52 10.85
N VAL B 74 -19.63 38.58 11.23
CA VAL B 74 -21.07 38.59 10.98
C VAL B 74 -21.35 38.70 9.47
N THR B 75 -20.69 39.65 8.81
CA THR B 75 -20.91 39.80 7.37
C THR B 75 -20.38 38.58 6.61
N LEU B 76 -19.24 38.01 7.04
CA LEU B 76 -18.73 36.81 6.38
C LEU B 76 -19.65 35.61 6.61
N TYR B 77 -20.27 35.53 7.80
CA TYR B 77 -21.31 34.53 8.06
C TYR B 77 -22.40 34.64 7.01
N GLY B 78 -22.93 35.87 6.84
CA GLY B 78 -23.94 36.08 5.81
C GLY B 78 -23.45 35.74 4.42
N MET B 79 -22.20 36.12 4.12
CA MET B 79 -21.58 35.84 2.82
C MET B 79 -21.60 34.35 2.53
N LEU B 80 -21.35 33.53 3.55
CA LEU B 80 -21.39 32.08 3.38
C LEU B 80 -22.83 31.58 3.28
N ASN B 81 -23.69 32.00 4.21
CA ASN B 81 -25.01 31.41 4.32
C ASN B 81 -25.95 31.83 3.20
N THR B 82 -25.65 32.91 2.48
CA THR B 82 -26.46 33.25 1.32
C THR B 82 -26.23 32.28 0.16
N LEU B 83 -25.10 31.54 0.16
CA LEU B 83 -24.92 30.50 -0.84
C LEU B 83 -26.00 29.43 -0.75
N LYS B 84 -26.67 29.31 0.39
CA LYS B 84 -27.80 28.39 0.53
C LYS B 84 -28.99 28.81 -0.32
N ASN B 85 -29.01 30.04 -0.85
CA ASN B 85 -30.14 30.50 -1.64
C ASN B 85 -30.40 29.56 -2.82
N ARG B 86 -29.35 29.20 -3.54
CA ARG B 86 -29.52 28.29 -4.68
C ARG B 86 -29.63 26.85 -4.22
N ASN B 87 -28.69 26.40 -3.37
CA ASN B 87 -28.65 25.00 -2.96
C ASN B 87 -29.40 24.81 -1.65
N PRO B 88 -30.58 24.20 -1.65
CA PRO B 88 -31.27 23.92 -0.38
C PRO B 88 -30.72 22.71 0.35
N ASN B 89 -29.98 21.84 -0.34
CA ASN B 89 -29.31 20.72 0.28
C ASN B 89 -27.97 21.11 0.89
N LEU B 90 -27.44 22.28 0.56
CA LEU B 90 -26.24 22.78 1.20
C LEU B 90 -26.53 23.08 2.66
N LYS B 91 -25.76 22.47 3.56
CA LYS B 91 -25.84 22.73 4.99
C LYS B 91 -24.56 23.39 5.46
N THR B 92 -24.66 24.16 6.54
CA THR B 92 -23.51 24.88 7.08
C THR B 92 -23.41 24.66 8.59
N LEU B 93 -22.18 24.75 9.08
CA LEU B 93 -21.88 24.58 10.50
C LEU B 93 -20.85 25.62 10.92
N LEU B 94 -20.87 25.93 12.21
CA LEU B 94 -19.92 26.84 12.82
C LEU B 94 -18.97 26.04 13.69
N SER B 95 -17.67 26.11 13.41
CA SER B 95 -16.68 25.37 14.17
C SER B 95 -16.17 26.21 15.32
N VAL B 96 -16.16 25.62 16.52
CA VAL B 96 -15.62 26.26 17.71
C VAL B 96 -14.41 25.47 18.17
N GLY B 97 -13.29 26.18 18.38
CA GLY B 97 -12.06 25.53 18.81
C GLY B 97 -10.85 25.98 18.02
N GLY B 98 -10.01 25.03 17.61
CA GLY B 98 -8.80 25.32 16.86
C GLY B 98 -7.55 24.92 17.61
N TRP B 99 -6.41 25.25 17.02
CA TRP B 99 -5.11 24.82 17.55
C TRP B 99 -4.24 25.96 18.03
N ASN B 100 -4.71 27.20 17.94
CA ASN B 100 -4.12 28.35 18.62
C ASN B 100 -5.12 28.97 19.57
N PHE B 101 -6.06 28.15 20.04
CA PHE B 101 -7.12 28.57 20.96
C PHE B 101 -6.53 28.76 22.35
N GLY B 102 -7.38 29.00 23.34
CA GLY B 102 -6.93 28.97 24.73
C GLY B 102 -6.87 27.57 25.31
N SER B 103 -7.59 26.61 24.71
CA SER B 103 -7.60 25.22 25.14
C SER B 103 -8.15 25.07 26.57
N GLN B 104 -7.54 25.80 27.51
CA GLN B 104 -8.07 25.82 28.87
C GLN B 104 -9.50 26.34 28.91
N ARG B 105 -9.87 27.18 27.93
CA ARG B 105 -11.25 27.67 27.85
C ARG B 105 -12.22 26.54 27.54
N PHE B 106 -11.87 25.69 26.58
CA PHE B 106 -12.67 24.49 26.31
C PHE B 106 -12.75 23.61 27.55
N SER B 107 -11.62 23.43 28.24
CA SER B 107 -11.60 22.63 29.47
C SER B 107 -12.53 23.21 30.53
N LYS B 108 -12.59 24.53 30.66
CA LYS B 108 -13.47 25.13 31.66
C LYS B 108 -14.93 25.00 31.25
N ILE B 109 -15.26 25.37 30.01
CA ILE B 109 -16.62 25.28 29.51
C ILE B 109 -17.11 23.84 29.47
N ALA B 110 -16.20 22.87 29.63
CA ALA B 110 -16.60 21.47 29.78
C ALA B 110 -16.65 21.01 31.22
N SER B 111 -15.75 21.51 32.08
CA SER B 111 -15.64 20.97 33.43
C SER B 111 -16.67 21.59 34.37
N ASN B 112 -16.79 22.92 34.33
CA ASN B 112 -17.73 23.62 35.20
C ASN B 112 -19.16 23.42 34.69
N THR B 113 -20.03 22.94 35.59
CA THR B 113 -21.41 22.65 35.19
C THR B 113 -22.16 23.92 34.79
N GLN B 114 -21.97 25.01 35.54
CA GLN B 114 -22.68 26.25 35.25
C GLN B 114 -22.25 26.81 33.89
N SER B 115 -20.94 26.90 33.66
CA SER B 115 -20.44 27.41 32.38
C SER B 115 -20.84 26.51 31.23
N ARG B 116 -20.92 25.20 31.47
CA ARG B 116 -21.36 24.28 30.43
C ARG B 116 -22.81 24.53 30.06
N ARG B 117 -23.68 24.68 31.06
CA ARG B 117 -25.07 25.07 30.80
C ARG B 117 -25.12 26.38 30.03
N THR B 118 -24.30 27.36 30.43
CA THR B 118 -24.29 28.66 29.79
C THR B 118 -23.95 28.53 28.30
N PHE B 119 -22.83 27.89 27.99
CA PHE B 119 -22.38 27.75 26.60
C PHE B 119 -23.40 26.96 25.77
N ILE B 120 -23.87 25.85 26.31
CA ILE B 120 -24.82 25.00 25.59
C ILE B 120 -26.09 25.78 25.25
N LYS B 121 -26.69 26.42 26.26
CA LYS B 121 -27.90 27.20 25.99
C LYS B 121 -27.62 28.39 25.09
N SER B 122 -26.40 28.92 25.11
CA SER B 122 -26.06 30.06 24.27
C SER B 122 -25.98 29.67 22.79
N VAL B 123 -25.58 28.44 22.49
CA VAL B 123 -25.28 28.08 21.10
C VAL B 123 -26.48 28.20 20.17
N PRO B 124 -27.63 27.56 20.43
CA PRO B 124 -28.69 27.51 19.40
C PRO B 124 -29.26 28.88 19.05
N PRO B 125 -29.48 29.78 20.02
CA PRO B 125 -29.84 31.15 19.61
C PRO B 125 -28.85 31.78 18.65
N PHE B 126 -27.55 31.62 18.90
CA PHE B 126 -26.52 32.19 18.04
C PHE B 126 -26.59 31.58 16.63
N LEU B 127 -26.65 30.25 16.57
CA LEU B 127 -26.74 29.56 15.29
C LEU B 127 -27.97 30.01 14.50
N ARG B 128 -29.11 30.15 15.18
CA ARG B 128 -30.32 30.62 14.51
C ARG B 128 -30.16 32.06 14.05
N THR B 129 -29.55 32.91 14.88
CA THR B 129 -29.36 34.32 14.52
C THR B 129 -28.57 34.45 13.23
N HIS B 130 -27.50 33.67 13.08
CA HIS B 130 -26.63 33.84 11.92
C HIS B 130 -26.85 32.79 10.84
N GLY B 131 -27.83 31.90 11.00
CA GLY B 131 -28.23 31.04 9.89
C GLY B 131 -27.40 29.80 9.68
N PHE B 132 -26.70 29.32 10.71
CA PHE B 132 -25.97 28.07 10.60
C PHE B 132 -26.92 26.90 10.87
N ASP B 133 -26.66 25.79 10.19
CA ASP B 133 -27.42 24.58 10.42
C ASP B 133 -26.85 23.71 11.52
N GLY B 134 -25.62 23.95 11.96
CA GLY B 134 -25.11 23.13 13.05
C GLY B 134 -23.86 23.69 13.69
N LEU B 135 -23.43 23.00 14.74
CA LEU B 135 -22.21 23.31 15.48
C LEU B 135 -21.19 22.19 15.29
N ASP B 136 -19.93 22.57 15.12
CA ASP B 136 -18.82 21.63 14.96
C ASP B 136 -17.82 21.86 16.07
N LEU B 137 -17.59 20.84 16.88
CA LEU B 137 -16.64 20.92 17.99
C LEU B 137 -15.26 20.54 17.47
N ALA B 138 -14.31 21.47 17.54
CA ALA B 138 -12.94 21.21 17.13
C ALA B 138 -11.99 21.47 18.30
N TRP B 139 -12.17 20.71 19.38
CA TRP B 139 -11.34 20.83 20.57
C TRP B 139 -10.04 20.07 20.36
N LEU B 140 -8.92 20.78 20.40
CA LEU B 140 -7.61 20.23 20.06
C LEU B 140 -6.65 20.46 21.22
N TYR B 141 -6.54 19.50 22.14
CA TYR B 141 -7.36 18.30 22.19
C TYR B 141 -7.75 18.11 23.64
N PRO B 142 -8.87 17.43 23.91
CA PRO B 142 -9.23 17.13 25.30
C PRO B 142 -8.14 16.27 25.93
N GLY B 143 -7.79 16.60 27.17
CA GLY B 143 -6.75 15.86 27.86
C GLY B 143 -7.25 14.50 28.32
N ARG B 144 -6.34 13.76 28.95
CA ARG B 144 -6.75 12.57 29.68
C ARG B 144 -7.72 12.93 30.80
N ARG B 145 -7.62 14.16 31.31
CA ARG B 145 -8.51 14.65 32.36
C ARG B 145 -9.87 15.08 31.83
N ASP B 146 -9.97 15.44 30.56
CA ASP B 146 -11.21 15.97 29.99
C ASP B 146 -11.97 14.94 29.16
N LYS B 147 -11.60 13.66 29.23
CA LYS B 147 -12.25 12.66 28.39
C LYS B 147 -13.72 12.47 28.76
N GLN B 148 -14.03 12.40 30.05
CA GLN B 148 -15.42 12.27 30.48
C GLN B 148 -16.21 13.55 30.21
N HIS B 149 -15.59 14.70 30.48
CA HIS B 149 -16.27 15.98 30.28
C HIS B 149 -16.63 16.20 28.81
N PHE B 150 -15.80 15.70 27.89
CA PHE B 150 -16.10 15.84 26.46
C PHE B 150 -17.37 15.10 26.09
N THR B 151 -17.49 13.84 26.55
CA THR B 151 -18.71 13.07 26.33
C THR B 151 -19.91 13.77 26.93
N THR B 152 -19.77 14.33 28.13
CA THR B 152 -20.89 15.03 28.76
C THR B 152 -21.28 16.27 27.96
N LEU B 153 -20.30 17.05 27.52
CA LEU B 153 -20.58 18.22 26.70
C LEU B 153 -21.35 17.84 25.45
N ILE B 154 -20.91 16.78 24.77
CA ILE B 154 -21.58 16.38 23.53
C ILE B 154 -23.02 15.92 23.81
N LYS B 155 -23.19 15.11 24.85
CA LYS B 155 -24.51 14.59 25.19
C LYS B 155 -25.48 15.72 25.52
N GLU B 156 -25.08 16.63 26.41
CA GLU B 156 -25.96 17.72 26.82
C GLU B 156 -26.19 18.72 25.69
N MET B 157 -25.18 18.93 24.82
CA MET B 157 -25.36 19.81 23.68
C MET B 157 -26.38 19.25 22.71
N LYS B 158 -26.29 17.95 22.40
CA LYS B 158 -27.31 17.34 21.56
C LYS B 158 -28.68 17.35 22.23
N ALA B 159 -28.72 17.21 23.56
CA ALA B 159 -30.00 17.29 24.26
C ALA B 159 -30.64 18.66 24.10
N GLU B 160 -29.84 19.72 24.24
CA GLU B 160 -30.35 21.06 24.02
C GLU B 160 -30.82 21.24 22.58
N PHE B 161 -30.08 20.67 21.63
CA PHE B 161 -30.52 20.72 20.24
C PHE B 161 -31.88 20.05 20.09
N ILE B 162 -32.09 18.94 20.78
CA ILE B 162 -33.37 18.25 20.73
C ILE B 162 -34.48 19.13 21.30
N LYS B 163 -34.21 19.79 22.42
CA LYS B 163 -35.21 20.67 23.02
C LYS B 163 -35.57 21.80 22.08
N GLU B 164 -34.57 22.45 21.49
CA GLU B 164 -34.79 23.65 20.69
C GLU B 164 -35.76 23.39 19.54
N ALA B 165 -35.59 22.25 18.85
CA ALA B 165 -36.31 22.00 17.60
C ALA B 165 -37.60 21.22 17.79
N GLN B 166 -38.05 21.03 19.04
CA GLN B 166 -39.25 20.23 19.26
C GLN B 166 -40.49 20.77 18.56
N PRO B 167 -40.72 22.10 18.45
CA PRO B 167 -41.88 22.53 17.63
C PRO B 167 -41.57 22.51 16.13
N GLY B 168 -41.46 21.31 15.58
CA GLY B 168 -41.35 21.10 14.15
C GLY B 168 -40.24 21.85 13.44
N LYS B 169 -39.21 22.25 14.18
CA LYS B 169 -38.07 22.92 13.57
C LYS B 169 -37.13 21.90 12.92
N LYS B 170 -36.31 22.41 12.00
CA LYS B 170 -35.22 21.62 11.45
C LYS B 170 -34.11 21.55 12.48
N GLN B 171 -33.84 20.33 12.98
CA GLN B 171 -32.90 20.16 14.08
C GLN B 171 -31.49 20.58 13.70
N LEU B 172 -30.84 21.30 14.60
CA LEU B 172 -29.44 21.66 14.40
C LEU B 172 -28.54 20.44 14.49
N LEU B 173 -27.48 20.45 13.70
CA LEU B 173 -26.52 19.34 13.68
C LEU B 173 -25.38 19.60 14.65
N LEU B 174 -24.81 18.51 15.16
CA LEU B 174 -23.66 18.58 16.06
C LEU B 174 -22.59 17.64 15.54
N SER B 175 -21.43 18.18 15.18
CA SER B 175 -20.33 17.40 14.66
C SER B 175 -19.07 17.65 15.47
N ALA B 176 -18.10 16.75 15.32
CA ALA B 176 -16.85 16.84 16.06
C ALA B 176 -15.70 16.38 15.18
N ALA B 177 -14.66 17.21 15.08
CA ALA B 177 -13.45 16.85 14.38
C ALA B 177 -12.49 16.18 15.35
N LEU B 178 -12.20 14.91 15.12
CA LEU B 178 -11.44 14.10 16.06
C LEU B 178 -10.07 13.75 15.47
N SER B 179 -9.09 13.64 16.36
CA SER B 179 -7.73 13.35 15.95
C SER B 179 -7.62 11.94 15.36
N ALA B 180 -6.68 11.78 14.43
CA ALA B 180 -6.37 10.48 13.86
C ALA B 180 -5.22 9.77 14.56
N GLY B 181 -4.52 10.45 15.46
CA GLY B 181 -3.40 9.82 16.17
C GLY B 181 -3.88 8.93 17.30
N LYS B 182 -3.27 7.74 17.39
CA LYS B 182 -3.77 6.70 18.28
C LYS B 182 -3.64 7.09 19.75
N VAL B 183 -2.52 7.71 20.13
CA VAL B 183 -2.32 8.13 21.52
C VAL B 183 -3.41 9.13 21.92
N THR B 184 -3.64 10.13 21.07
CA THR B 184 -4.64 11.14 21.37
C THR B 184 -6.04 10.54 21.46
N ILE B 185 -6.39 9.68 20.49
CA ILE B 185 -7.67 8.97 20.55
C ILE B 185 -7.80 8.23 21.87
N ASP B 186 -6.71 7.59 22.31
CA ASP B 186 -6.77 6.77 23.51
C ASP B 186 -7.00 7.62 24.75
N SER B 187 -6.39 8.81 24.81
CA SER B 187 -6.46 9.60 26.02
C SER B 187 -7.64 10.58 26.05
N SER B 188 -8.26 10.88 24.91
CA SER B 188 -9.24 11.96 24.85
C SER B 188 -10.66 11.55 24.57
N TYR B 189 -10.90 10.47 23.82
CA TYR B 189 -12.22 10.18 23.27
C TYR B 189 -12.78 8.90 23.84
N ASP B 190 -14.05 8.94 24.25
CA ASP B 190 -14.87 7.75 24.45
C ASP B 190 -15.68 7.60 23.17
N ILE B 191 -15.07 6.93 22.17
CA ILE B 191 -15.62 6.95 20.82
C ILE B 191 -17.02 6.34 20.79
N ALA B 192 -17.19 5.20 21.45
CA ALA B 192 -18.48 4.51 21.39
C ALA B 192 -19.58 5.35 22.02
N LYS B 193 -19.26 6.09 23.09
CA LYS B 193 -20.27 6.89 23.76
C LYS B 193 -20.61 8.14 22.96
N ILE B 194 -19.60 8.90 22.54
CA ILE B 194 -19.86 10.12 21.78
C ILE B 194 -20.34 9.85 20.37
N SER B 195 -20.23 8.61 19.88
CA SER B 195 -20.74 8.29 18.56
C SER B 195 -22.27 8.23 18.53
N GLN B 196 -22.89 7.96 19.67
CA GLN B 196 -24.36 7.94 19.72
C GLN B 196 -24.93 9.34 19.54
N HIS B 197 -24.28 10.35 20.12
CA HIS B 197 -24.84 11.69 20.19
C HIS B 197 -24.39 12.60 19.05
N LEU B 198 -23.41 12.20 18.23
CA LEU B 198 -22.89 13.05 17.18
C LEU B 198 -23.54 12.70 15.84
N ASP B 199 -23.79 13.74 15.04
CA ASP B 199 -24.34 13.50 13.70
C ASP B 199 -23.27 12.95 12.77
N PHE B 200 -22.05 13.47 12.83
CA PHE B 200 -20.93 12.84 12.16
C PHE B 200 -19.64 13.23 12.85
N ILE B 201 -18.69 12.29 12.85
CA ILE B 201 -17.32 12.50 13.27
C ILE B 201 -16.49 12.78 12.04
N SER B 202 -15.59 13.75 12.12
CA SER B 202 -14.62 14.00 11.06
C SER B 202 -13.25 13.65 11.59
N ILE B 203 -12.62 12.63 11.03
CA ILE B 203 -11.31 12.18 11.51
C ILE B 203 -10.23 12.86 10.71
N MET B 204 -9.32 13.54 11.41
CA MET B 204 -8.29 14.39 10.80
C MET B 204 -7.10 13.53 10.37
N THR B 205 -7.31 12.76 9.31
CA THR B 205 -6.29 11.84 8.79
C THR B 205 -5.25 12.60 7.94
N TYR B 206 -4.61 13.55 8.61
CA TYR B 206 -3.47 14.29 8.07
C TYR B 206 -2.69 14.83 9.27
N ASP B 207 -1.63 15.60 8.98
CA ASP B 207 -0.71 16.07 10.03
C ASP B 207 -0.09 14.90 10.79
N PHE B 208 0.03 13.74 10.15
CA PHE B 208 0.77 12.64 10.75
C PHE B 208 2.24 12.99 10.86
N HIS B 209 2.88 12.48 11.90
CA HIS B 209 4.32 12.67 12.11
C HIS B 209 5.00 11.33 12.25
N GLY B 210 4.75 10.42 11.31
CA GLY B 210 5.28 9.08 11.34
C GLY B 210 6.66 8.88 10.74
N ALA B 211 7.31 9.94 10.27
CA ALA B 211 8.65 9.78 9.72
C ALA B 211 9.65 9.54 10.84
N TRP B 212 10.78 8.94 10.48
CA TRP B 212 11.91 8.86 11.40
C TRP B 212 12.31 10.26 11.83
N ARG B 213 12.81 10.37 13.06
CA ARG B 213 13.29 11.65 13.56
C ARG B 213 14.31 12.24 12.60
N GLY B 214 14.08 13.47 12.17
CA GLY B 214 15.00 14.16 11.30
C GLY B 214 15.03 13.68 9.86
N THR B 215 13.96 13.05 9.38
CA THR B 215 13.88 12.58 8.01
C THR B 215 12.57 13.04 7.38
N THR B 216 12.55 13.01 6.04
CA THR B 216 11.34 13.36 5.30
C THR B 216 10.27 12.29 5.53
N GLY B 217 9.02 12.72 5.43
CA GLY B 217 7.91 11.80 5.55
C GLY B 217 6.63 12.48 5.10
N HIS B 218 5.71 11.67 4.56
CA HIS B 218 4.43 12.17 4.11
C HIS B 218 3.46 12.24 5.28
N HIS B 219 2.83 13.41 5.45
CA HIS B 219 1.96 13.66 6.58
C HIS B 219 0.56 13.08 6.43
N SER B 220 0.22 12.58 5.24
CA SER B 220 -1.12 12.01 5.00
C SER B 220 -1.02 10.81 4.07
N PRO B 221 -0.30 9.76 4.47
CA PRO B 221 -0.30 8.55 3.66
C PRO B 221 -1.58 7.76 3.85
N LEU B 222 -2.00 7.09 2.78
CA LEU B 222 -3.20 6.27 2.87
C LEU B 222 -2.93 5.01 3.67
N PHE B 223 -1.87 4.28 3.33
CA PHE B 223 -1.45 3.08 4.03
C PHE B 223 -0.05 3.26 4.59
N ARG B 224 0.39 2.30 5.41
CA ARG B 224 1.73 2.38 5.99
C ARG B 224 2.82 2.32 4.91
N GLY B 225 2.67 1.43 3.94
CA GLY B 225 3.71 1.27 2.95
C GLY B 225 4.82 0.34 3.42
N GLN B 226 6.04 0.65 3.00
CA GLN B 226 7.20 -0.20 3.32
C GLN B 226 7.32 -0.42 4.83
N GLU B 227 7.36 -1.68 5.23
CA GLU B 227 7.25 -2.03 6.65
C GLU B 227 8.43 -1.50 7.47
N ASP B 228 9.64 -1.55 6.91
CA ASP B 228 10.83 -1.17 7.68
C ASP B 228 11.20 0.30 7.52
N ALA B 229 10.33 1.11 6.91
CA ALA B 229 10.65 2.51 6.65
C ALA B 229 9.90 3.46 7.58
N SER B 230 9.48 2.98 8.75
CA SER B 230 8.70 3.80 9.69
C SER B 230 8.66 3.12 11.06
N PRO B 231 8.63 3.90 12.15
CA PRO B 231 8.70 3.29 13.48
C PRO B 231 7.43 2.56 13.87
N ASP B 232 6.26 3.13 13.57
CA ASP B 232 4.98 2.56 13.93
C ASP B 232 4.15 2.33 12.67
N ARG B 233 3.14 1.49 12.82
CA ARG B 233 2.16 1.29 11.77
C ARG B 233 0.90 2.12 11.99
N PHE B 234 0.95 3.07 12.93
CA PHE B 234 -0.22 3.86 13.30
C PHE B 234 -0.38 5.12 12.46
N SER B 235 0.71 5.76 12.06
CA SER B 235 0.66 7.12 11.51
C SER B 235 0.25 7.11 10.03
N ASN B 236 -0.94 6.60 9.76
CA ASN B 236 -1.47 6.61 8.40
C ASN B 236 -2.99 6.58 8.45
N THR B 237 -3.59 6.97 7.32
CA THR B 237 -5.05 7.12 7.25
C THR B 237 -5.76 5.79 7.51
N ASP B 238 -5.29 4.73 6.86
CA ASP B 238 -5.96 3.43 6.95
C ASP B 238 -6.05 2.96 8.40
N TYR B 239 -4.94 3.01 9.13
CA TYR B 239 -4.95 2.56 10.51
C TYR B 239 -5.94 3.37 11.34
N ALA B 240 -5.88 4.70 11.21
CA ALA B 240 -6.75 5.55 12.01
C ALA B 240 -8.22 5.26 11.74
N VAL B 241 -8.58 5.10 10.46
CA VAL B 241 -9.97 4.81 10.12
C VAL B 241 -10.41 3.49 10.75
N GLY B 242 -9.62 2.42 10.52
CA GLY B 242 -9.97 1.13 11.09
C GLY B 242 -10.02 1.15 12.60
N TYR B 243 -9.15 1.93 13.24
CA TYR B 243 -9.10 1.97 14.69
C TYR B 243 -10.30 2.69 15.26
N MET B 244 -10.71 3.79 14.61
CA MET B 244 -11.90 4.49 15.08
C MET B 244 -13.15 3.63 14.89
N LEU B 245 -13.21 2.87 13.78
CA LEU B 245 -14.32 1.94 13.62
C LEU B 245 -14.31 0.86 14.70
N ARG B 246 -13.12 0.34 15.01
CA ARG B 246 -13.00 -0.69 16.04
C ARG B 246 -13.42 -0.17 17.41
N LEU B 247 -13.28 1.13 17.66
CA LEU B 247 -13.65 1.71 18.94
C LEU B 247 -15.14 2.02 19.06
N GLY B 248 -15.94 1.74 18.03
CA GLY B 248 -17.38 1.86 18.12
C GLY B 248 -18.00 2.89 17.21
N ALA B 249 -17.23 3.72 16.50
CA ALA B 249 -17.82 4.72 15.63
C ALA B 249 -18.47 4.04 14.42
N PRO B 250 -19.74 4.32 14.14
CA PRO B 250 -20.36 3.75 12.94
C PRO B 250 -19.78 4.37 11.68
N ALA B 251 -19.54 3.52 10.67
CA ALA B 251 -19.04 4.02 9.40
C ALA B 251 -19.98 5.04 8.77
N SER B 252 -21.29 4.90 9.04
CA SER B 252 -22.26 5.85 8.51
C SER B 252 -22.12 7.24 9.10
N LYS B 253 -21.44 7.38 10.24
CA LYS B 253 -21.24 8.67 10.89
C LYS B 253 -19.80 9.15 10.79
N LEU B 254 -18.95 8.47 10.02
CA LEU B 254 -17.53 8.76 9.99
C LEU B 254 -17.15 9.37 8.64
N VAL B 255 -16.46 10.50 8.69
CA VAL B 255 -16.03 11.26 7.52
C VAL B 255 -14.51 11.35 7.55
N MET B 256 -13.87 11.06 6.43
CA MET B 256 -12.41 10.94 6.35
C MET B 256 -11.81 12.25 5.87
N GLY B 257 -10.83 12.76 6.62
CA GLY B 257 -10.21 14.02 6.25
C GLY B 257 -9.20 13.85 5.14
N ILE B 258 -9.29 14.71 4.14
CA ILE B 258 -8.32 14.75 3.05
C ILE B 258 -7.77 16.17 2.98
N PRO B 259 -6.45 16.35 2.99
CA PRO B 259 -5.89 17.70 3.02
C PRO B 259 -5.64 18.28 1.64
N THR B 260 -5.95 19.57 1.51
CA THR B 260 -5.55 20.34 0.33
C THR B 260 -4.27 21.12 0.58
N PHE B 261 -3.47 20.68 1.56
CA PHE B 261 -2.19 21.28 1.85
C PHE B 261 -1.14 20.18 1.98
N GLY B 262 0.11 20.55 1.71
CA GLY B 262 1.21 19.62 1.83
C GLY B 262 2.18 20.03 2.93
N ARG B 263 2.92 19.05 3.45
CA ARG B 263 3.90 19.27 4.50
C ARG B 263 5.30 19.20 3.91
N SER B 264 6.14 20.18 4.23
CA SER B 264 7.40 20.40 3.54
C SER B 264 8.58 20.34 4.49
N PHE B 265 9.74 20.06 3.90
CA PHE B 265 11.01 19.94 4.60
C PHE B 265 12.12 20.52 3.72
N THR B 266 13.21 20.87 4.38
CA THR B 266 14.43 21.30 3.72
C THR B 266 15.44 20.15 3.85
N LEU B 267 15.79 19.54 2.71
CA LEU B 267 16.65 18.36 2.70
C LEU B 267 18.07 18.72 3.12
N ALA B 268 18.78 17.76 3.72
CA ALA B 268 20.14 18.03 4.21
C ALA B 268 21.23 17.41 3.35
N SER B 269 20.89 16.69 2.29
CA SER B 269 21.89 15.99 1.49
C SER B 269 21.32 15.77 0.09
N SER B 270 22.05 15.00 -0.73
CA SER B 270 21.59 14.66 -2.06
C SER B 270 20.41 13.69 -2.06
N GLU B 271 20.08 13.11 -0.91
CA GLU B 271 19.00 12.14 -0.82
C GLU B 271 17.65 12.85 -0.82
N THR B 272 16.72 12.34 -1.63
CA THR B 272 15.41 12.96 -1.81
C THR B 272 14.25 12.00 -1.66
N GLY B 273 14.50 10.76 -1.23
CA GLY B 273 13.43 9.81 -1.01
C GLY B 273 12.83 9.95 0.38
N VAL B 274 11.81 9.12 0.64
CA VAL B 274 11.27 9.03 1.99
C VAL B 274 12.37 8.55 2.92
N GLY B 275 12.48 9.21 4.07
CA GLY B 275 13.54 8.90 5.01
C GLY B 275 14.83 9.65 4.78
N ALA B 276 14.86 10.58 3.83
CA ALA B 276 16.06 11.38 3.61
C ALA B 276 16.23 12.40 4.74
N PRO B 277 17.45 12.70 5.12
CA PRO B 277 17.68 13.61 6.26
C PRO B 277 17.27 15.04 5.94
N ILE B 278 16.80 15.74 6.98
CA ILE B 278 16.34 17.11 6.87
C ILE B 278 17.07 17.99 7.88
N SER B 279 17.08 19.28 7.60
CA SER B 279 17.63 20.27 8.51
C SER B 279 16.55 21.14 9.15
N GLY B 280 15.29 20.96 8.76
CA GLY B 280 14.21 21.74 9.27
C GLY B 280 13.04 21.80 8.32
N PRO B 281 12.05 22.63 8.63
CA PRO B 281 10.84 22.70 7.80
C PRO B 281 11.14 23.33 6.45
N GLY B 282 10.18 23.18 5.54
CA GLY B 282 10.33 23.75 4.22
C GLY B 282 10.22 25.26 4.20
N ILE B 283 10.68 25.85 3.11
CA ILE B 283 10.60 27.31 2.94
C ILE B 283 9.13 27.71 2.83
N PRO B 284 8.71 28.79 3.50
CA PRO B 284 7.29 29.16 3.46
C PRO B 284 6.82 29.55 2.07
N GLY B 285 5.53 29.35 1.83
CA GLY B 285 4.95 29.76 0.57
C GLY B 285 4.65 31.25 0.54
N ARG B 286 4.46 31.77 -0.68
CA ARG B 286 4.25 33.20 -0.85
C ARG B 286 3.01 33.66 -0.10
N PHE B 287 1.91 32.90 -0.19
CA PHE B 287 0.63 33.34 0.33
C PHE B 287 0.32 32.85 1.74
N THR B 288 0.69 31.60 2.07
CA THR B 288 0.37 31.08 3.39
C THR B 288 1.41 31.48 4.43
N LYS B 289 2.66 31.65 4.03
CA LYS B 289 3.74 32.19 4.87
C LYS B 289 3.84 31.45 6.20
N GLU B 290 4.05 30.15 6.11
CA GLU B 290 4.24 29.33 7.31
C GLU B 290 5.18 28.20 6.97
N ALA B 291 6.28 28.09 7.71
CA ALA B 291 7.31 27.10 7.38
C ALA B 291 6.79 25.69 7.61
N GLY B 292 7.20 24.77 6.73
CA GLY B 292 6.82 23.38 6.83
C GLY B 292 5.47 23.05 6.26
N THR B 293 4.85 23.96 5.51
CA THR B 293 3.51 23.73 5.03
C THR B 293 3.28 24.60 3.80
N LEU B 294 2.47 24.08 2.87
CA LEU B 294 2.16 24.77 1.63
C LEU B 294 0.71 24.50 1.24
N ALA B 295 0.05 25.48 0.64
CA ALA B 295 -1.26 25.24 0.06
C ALA B 295 -1.12 24.54 -1.30
N TYR B 296 -2.20 23.91 -1.73
CA TYR B 296 -2.14 23.13 -2.96
C TYR B 296 -1.80 24.01 -4.17
N TYR B 297 -2.31 25.25 -4.20
CA TYR B 297 -1.97 26.12 -5.33
C TYR B 297 -0.51 26.57 -5.25
N GLU B 298 0.00 26.78 -4.04
CA GLU B 298 1.43 27.01 -3.87
C GLU B 298 2.23 25.81 -4.33
N ILE B 299 1.73 24.59 -4.07
CA ILE B 299 2.39 23.39 -4.54
C ILE B 299 2.38 23.34 -6.07
N CYS B 300 1.25 23.72 -6.69
CA CYS B 300 1.17 23.75 -8.14
C CYS B 300 2.19 24.71 -8.72
N ASP B 301 2.46 25.82 -8.03
CA ASP B 301 3.56 26.68 -8.45
C ASP B 301 4.91 25.98 -8.23
N PHE B 302 5.08 25.33 -7.07
CA PHE B 302 6.31 24.61 -6.76
C PHE B 302 6.55 23.48 -7.75
N LEU B 303 5.48 22.85 -8.25
CA LEU B 303 5.61 21.72 -9.15
C LEU B 303 6.29 22.10 -10.46
N ARG B 304 6.32 23.38 -10.80
CA ARG B 304 7.00 23.84 -12.01
C ARG B 304 8.49 23.64 -11.83
N GLY B 305 9.07 22.69 -12.58
CA GLY B 305 10.46 22.35 -12.44
C GLY B 305 10.77 21.32 -11.39
N ALA B 306 9.75 20.81 -10.68
CA ALA B 306 9.96 19.84 -9.62
C ALA B 306 9.81 18.43 -10.18
N THR B 307 10.35 17.46 -9.45
CA THR B 307 10.20 16.05 -9.79
C THR B 307 9.25 15.41 -8.81
N VAL B 308 8.21 14.75 -9.34
CA VAL B 308 7.13 14.16 -8.55
C VAL B 308 7.37 12.67 -8.46
N HIS B 309 7.23 12.12 -7.25
CA HIS B 309 7.35 10.69 -7.01
C HIS B 309 6.13 10.23 -6.24
N ARG B 310 5.56 9.12 -6.68
CA ARG B 310 4.42 8.52 -6.00
C ARG B 310 4.95 7.47 -5.04
N ILE B 311 4.79 7.70 -3.73
CA ILE B 311 5.27 6.73 -2.75
C ILE B 311 4.49 5.45 -2.93
N LEU B 312 5.19 4.35 -3.20
CA LEU B 312 4.56 3.13 -3.68
C LEU B 312 3.52 2.61 -2.69
N GLY B 313 3.94 2.33 -1.47
CA GLY B 313 3.03 1.73 -0.50
C GLY B 313 2.02 2.67 0.12
N GLN B 314 2.19 3.97 -0.05
CA GLN B 314 1.34 4.93 0.66
C GLN B 314 0.34 5.62 -0.24
N GLN B 315 0.43 5.43 -1.57
CA GLN B 315 -0.56 5.93 -2.53
C GLN B 315 -0.67 7.46 -2.52
N VAL B 316 0.40 8.15 -2.14
CA VAL B 316 0.39 9.61 -2.14
C VAL B 316 1.68 10.12 -2.72
N PRO B 317 1.64 11.31 -3.31
CA PRO B 317 2.84 11.86 -3.93
C PRO B 317 3.64 12.79 -3.03
N TYR B 318 4.94 12.87 -3.32
CA TYR B 318 5.77 13.98 -2.89
C TYR B 318 6.45 14.58 -4.11
N ALA B 319 6.93 15.80 -3.94
CA ALA B 319 7.66 16.51 -4.98
C ALA B 319 8.92 17.09 -4.37
N THR B 320 10.03 16.96 -5.09
CA THR B 320 11.28 17.52 -4.63
C THR B 320 11.86 18.43 -5.69
N LYS B 321 12.57 19.45 -5.22
CA LYS B 321 13.20 20.44 -6.10
C LYS B 321 14.26 21.16 -5.29
N GLY B 322 15.52 21.06 -5.74
CA GLY B 322 16.62 21.61 -4.96
C GLY B 322 16.65 20.98 -3.59
N ASN B 323 16.76 21.82 -2.55
CA ASN B 323 16.76 21.35 -1.18
C ASN B 323 15.35 21.34 -0.56
N GLN B 324 14.31 21.33 -1.38
CA GLN B 324 12.94 21.36 -0.89
C GLN B 324 12.22 20.05 -1.20
N TRP B 325 11.37 19.62 -0.27
CA TRP B 325 10.68 18.35 -0.35
C TRP B 325 9.29 18.53 0.24
N VAL B 326 8.23 18.20 -0.51
CA VAL B 326 6.89 18.39 0.04
C VAL B 326 6.05 17.15 -0.25
N GLY B 327 5.41 16.61 0.78
CA GLY B 327 4.46 15.52 0.64
C GLY B 327 3.05 16.08 0.65
N TYR B 328 2.30 15.75 -0.40
CA TYR B 328 1.01 16.39 -0.62
C TYR B 328 0.03 15.39 -1.22
N ASP B 329 -1.18 15.86 -1.47
CA ASP B 329 -2.23 15.09 -2.14
C ASP B 329 -2.58 15.74 -3.47
N ASP B 330 -2.65 14.94 -4.53
CA ASP B 330 -3.08 15.43 -5.84
C ASP B 330 -4.39 14.76 -6.23
N GLN B 331 -4.81 14.99 -7.48
CA GLN B 331 -6.11 14.49 -7.91
C GLN B 331 -6.14 12.96 -7.91
N GLU B 332 -5.09 12.32 -8.40
CA GLU B 332 -5.02 10.86 -8.37
C GLU B 332 -5.06 10.33 -6.94
N SER B 333 -4.30 10.97 -6.03
CA SER B 333 -4.21 10.46 -4.68
C SER B 333 -5.52 10.66 -3.91
N VAL B 334 -6.18 11.81 -4.10
CA VAL B 334 -7.46 11.98 -3.42
C VAL B 334 -8.51 11.07 -4.03
N LYS B 335 -8.40 10.75 -5.32
CA LYS B 335 -9.30 9.76 -5.89
C LYS B 335 -9.08 8.39 -5.25
N SER B 336 -7.81 8.03 -5.00
CA SER B 336 -7.54 6.77 -4.32
C SER B 336 -8.11 6.77 -2.90
N LYS B 337 -7.95 7.89 -2.18
CA LYS B 337 -8.49 7.96 -0.83
C LYS B 337 -10.01 7.88 -0.82
N VAL B 338 -10.65 8.46 -1.84
CA VAL B 338 -12.10 8.37 -1.94
C VAL B 338 -12.53 6.94 -2.23
N GLN B 339 -11.83 6.26 -3.13
CA GLN B 339 -12.11 4.84 -3.37
C GLN B 339 -11.98 4.05 -2.07
N TYR B 340 -10.96 4.36 -1.27
CA TYR B 340 -10.79 3.69 0.01
C TYR B 340 -11.99 3.92 0.93
N LEU B 341 -12.40 5.18 1.08
CA LEU B 341 -13.52 5.47 1.99
C LEU B 341 -14.81 4.84 1.48
N LYS B 342 -15.01 4.78 0.17
CA LYS B 342 -16.20 4.12 -0.37
C LYS B 342 -16.19 2.63 -0.04
N ASP B 343 -15.05 1.96 -0.23
CA ASP B 343 -14.96 0.55 0.08
C ASP B 343 -15.27 0.28 1.55
N ARG B 344 -14.86 1.19 2.44
CA ARG B 344 -15.13 1.07 3.86
C ARG B 344 -16.54 1.52 4.24
N GLN B 345 -17.34 1.97 3.27
CA GLN B 345 -18.72 2.39 3.50
C GLN B 345 -18.80 3.54 4.51
N LEU B 346 -17.91 4.52 4.34
CA LEU B 346 -17.90 5.68 5.23
C LEU B 346 -18.94 6.70 4.77
N ALA B 347 -19.24 7.65 5.67
CA ALA B 347 -20.19 8.70 5.34
C ALA B 347 -19.71 9.57 4.19
N GLY B 348 -18.40 9.75 4.06
CA GLY B 348 -17.88 10.55 2.96
C GLY B 348 -16.48 11.07 3.30
N ALA B 349 -16.14 12.18 2.67
CA ALA B 349 -14.83 12.79 2.81
C ALA B 349 -14.96 14.19 3.38
N MET B 350 -14.04 14.54 4.28
CA MET B 350 -13.90 15.88 4.80
C MET B 350 -12.65 16.52 4.20
N VAL B 351 -12.72 17.82 3.94
CA VAL B 351 -11.65 18.55 3.27
C VAL B 351 -11.20 19.71 4.16
N TRP B 352 -9.92 19.77 4.46
CA TRP B 352 -9.29 20.96 5.05
C TRP B 352 -8.20 21.43 4.10
N ALA B 353 -8.39 22.58 3.47
CA ALA B 353 -9.60 23.38 3.58
C ALA B 353 -9.86 24.03 2.22
N LEU B 354 -11.07 24.54 2.01
CA LEU B 354 -11.42 25.07 0.70
C LEU B 354 -10.48 26.19 0.27
N ASP B 355 -10.10 27.06 1.20
CA ASP B 355 -9.24 28.20 0.86
C ASP B 355 -7.82 27.78 0.53
N LEU B 356 -7.42 26.56 0.91
CA LEU B 356 -6.10 26.05 0.55
C LEU B 356 -6.09 25.33 -0.79
N ASP B 357 -7.25 24.86 -1.25
CA ASP B 357 -7.40 24.41 -2.62
C ASP B 357 -7.19 25.59 -3.57
N ASP B 358 -7.06 25.28 -4.87
CA ASP B 358 -6.96 26.33 -5.89
C ASP B 358 -8.37 26.86 -6.16
N PHE B 359 -8.80 27.80 -5.32
CA PHE B 359 -10.15 28.32 -5.43
C PHE B 359 -10.30 29.26 -6.63
N GLN B 360 -9.28 30.09 -6.88
CA GLN B 360 -9.32 30.95 -8.06
C GLN B 360 -9.28 30.14 -9.35
N GLY B 361 -8.71 28.95 -9.32
CA GLY B 361 -8.47 28.19 -10.53
C GLY B 361 -7.25 28.61 -11.31
N SER B 362 -6.33 29.35 -10.69
CA SER B 362 -5.13 29.86 -11.34
C SER B 362 -4.34 28.76 -12.04
N LEU B 368 -10.11 25.26 -14.47
CA LEU B 368 -11.27 25.14 -13.59
C LEU B 368 -10.89 25.47 -12.15
N ARG B 369 -11.89 25.68 -11.30
CA ARG B 369 -11.68 25.98 -9.89
C ARG B 369 -11.77 24.71 -9.04
N PHE B 370 -11.20 24.80 -7.84
CA PHE B 370 -11.27 23.75 -6.84
C PHE B 370 -10.90 22.36 -7.37
N PRO B 371 -9.69 22.21 -7.94
CA PRO B 371 -9.35 20.92 -8.58
C PRO B 371 -9.38 19.73 -7.63
N LEU B 372 -8.87 19.90 -6.42
CA LEU B 372 -8.82 18.78 -5.48
C LEU B 372 -10.21 18.45 -4.93
N THR B 373 -10.92 19.48 -4.48
CA THR B 373 -12.27 19.24 -3.97
C THR B 373 -13.20 18.72 -5.06
N ASN B 374 -12.99 19.17 -6.31
CA ASN B 374 -13.81 18.64 -7.40
C ASN B 374 -13.41 17.22 -7.75
N ALA B 375 -12.12 16.87 -7.61
CA ALA B 375 -11.73 15.47 -7.80
C ALA B 375 -12.40 14.58 -6.76
N ILE B 376 -12.42 15.04 -5.51
CA ILE B 376 -13.11 14.30 -4.45
C ILE B 376 -14.60 14.18 -4.74
N LYS B 377 -15.20 15.28 -5.20
CA LYS B 377 -16.61 15.29 -5.56
C LYS B 377 -16.91 14.27 -6.66
N ASP B 378 -16.17 14.35 -7.77
CA ASP B 378 -16.36 13.42 -8.88
C ASP B 378 -16.17 11.98 -8.42
N ALA B 379 -15.12 11.71 -7.64
CA ALA B 379 -14.85 10.34 -7.23
C ALA B 379 -15.93 9.80 -6.32
N LEU B 380 -16.53 10.65 -5.48
CA LEU B 380 -17.62 10.18 -4.62
C LEU B 380 -18.80 9.68 -5.43
N ALA B 381 -19.05 10.28 -6.60
CA ALA B 381 -20.09 9.81 -7.51
C ALA B 381 -19.43 8.84 -8.50
N ALA B 382 -19.43 7.56 -8.15
CA ALA B 382 -18.69 6.56 -8.91
C ALA B 382 -19.63 5.74 -9.78
N THR B 383 -19.05 4.76 -10.46
CA THR B 383 -19.81 3.79 -11.23
C THR B 383 -20.57 2.87 -10.28
#